data_7OJH
#
_entry.id   7OJH
#
_cell.length_a   1.00
_cell.length_b   1.00
_cell.length_c   1.00
_cell.angle_alpha   90.00
_cell.angle_beta   90.00
_cell.angle_gamma   90.00
#
_symmetry.space_group_name_H-M   'P 1'
#
loop_
_entity.id
_entity.type
_entity.pdbx_description
1 polymer 'Broad substrate specificity ATP-binding cassette transporter ABCG2'
2 non-polymer "ADENOSINE-5'-TRIPHOSPHATE"
3 non-polymer CHOLESTEROL
4 non-polymer "(S)-10-[(DIMETHYLAMINO)METHYL]-4-ETHYL-4,9-DIHYDROXY-1H-PYRANO[3',4':6,7]INOLIZINO[1,2-B]-QUINOLINE-3,14(4H,12H)-DIONE"
#
_entity_poly.entity_id   1
_entity_poly.type   'polypeptide(L)'
_entity_poly.pdbx_seq_one_letter_code
;MDYKDDDDKGSSSSNVEVFIPVSQGNTNGFPATASNDLKAFTEGAVLSFHNICYRVKLKSGFLPCRKPVEKEILSNINGI
MKPGLNAILGPTGGGKSSLLDVLAARKDPSGLSGDVLINGAPRPANFKCNSGYVVQDDVVMGTLTVRENLQFSAALRLAT
TMTNHEKNERINRVIQELGLDKVADSKVGTQFIRGVSGGERKRTSIGMELITDPSILFLDEPTTGLDSSTANAVLLLLKR
MSKQGRTIIFSIHQPRYSIFKLFDSLTLLASGRLMFHGPAQEALGYFESAGYHCEAYNNPADFFLDIINGDSTAVALNRE
EDFKATEIIEPSKQDKPLIEKLAEIYVNSSFYKETKAELHQLSGGEKKKKITVFKEISYTTSFCHQLRWVSKRSFKNLLG
NPQASIAQIIVTVVLGLVIGAIYFGLKNDSTGIQNRAGVLFFLTTNQCFSSVSAVELFVVEKKLFIHEYISGYYRVSSYF
LGKLLSDLLPMRMLPSIIFTCIVYFMLGLKPKADAFFVMMFTLMMVAYSASSMALAIAAGQSVVSVATLLMTICFVFMMI
FSGLLVNLTTIASWLSWLQYFSIPRYGFTALQHNEFLGQNFCPGLNATGNNPCNYATCTGEEYLVKQGIDLSPWGLWKNH
VALACMIVIFLTIAYLKLLFLKKYS
;
_entity_poly.pdbx_strand_id   B,A
#
# COMPACT_ATOMS: atom_id res chain seq x y z
N GLY A 44 9.73 -45.49 4.57
CA GLY A 44 9.13 -44.17 4.68
C GLY A 44 7.94 -44.00 3.76
N ALA A 45 7.96 -42.92 2.97
CA ALA A 45 6.89 -42.62 2.03
C ALA A 45 7.48 -42.49 0.63
N VAL A 46 6.68 -42.88 -0.36
CA VAL A 46 7.09 -42.86 -1.76
C VAL A 46 5.95 -42.24 -2.54
N LEU A 47 6.04 -40.94 -2.79
CA LEU A 47 5.00 -40.20 -3.52
C LEU A 47 5.28 -40.34 -5.01
N SER A 48 4.53 -41.21 -5.66
CA SER A 48 4.73 -41.54 -7.07
C SER A 48 3.63 -40.88 -7.89
N PHE A 49 4.02 -39.93 -8.74
CA PHE A 49 3.09 -39.31 -9.66
C PHE A 49 3.33 -39.82 -11.08
N HIS A 50 2.23 -40.02 -11.80
CA HIS A 50 2.28 -40.69 -13.10
C HIS A 50 1.33 -40.01 -14.08
N ASN A 51 1.89 -39.49 -15.17
CA ASN A 51 1.12 -39.01 -16.31
C ASN A 51 0.19 -37.87 -15.89
N ILE A 52 0.76 -36.89 -15.19
CA ILE A 52 0.01 -35.72 -14.77
C ILE A 52 -0.19 -34.79 -15.95
N CYS A 53 -1.39 -34.22 -16.05
CA CYS A 53 -1.70 -33.15 -17.00
C CYS A 53 -2.73 -32.26 -16.32
N TYR A 54 -2.39 -30.98 -16.14
CA TYR A 54 -3.27 -30.04 -15.45
C TYR A 54 -3.68 -28.95 -16.42
N ARG A 55 -4.99 -28.74 -16.55
CA ARG A 55 -5.56 -27.75 -17.47
C ARG A 55 -6.26 -26.68 -16.64
N VAL A 56 -5.70 -25.47 -16.67
CA VAL A 56 -6.25 -24.36 -15.93
C VAL A 56 -7.12 -23.50 -16.85
N VAL A 69 -11.32 -20.16 -20.97
CA VAL A 69 -9.90 -20.24 -20.65
C VAL A 69 -9.53 -21.67 -20.30
N GLU A 70 -8.85 -22.35 -21.23
CA GLU A 70 -8.33 -23.70 -21.01
C GLU A 70 -6.86 -23.72 -21.40
N LYS A 71 -6.01 -23.38 -20.44
CA LYS A 71 -4.57 -23.44 -20.63
C LYS A 71 -4.00 -24.62 -19.85
N GLU A 72 -2.92 -25.19 -20.39
CA GLU A 72 -2.23 -26.31 -19.76
C GLU A 72 -0.87 -25.84 -19.29
N ILE A 73 -0.67 -25.86 -17.97
CA ILE A 73 0.59 -25.43 -17.37
C ILE A 73 1.47 -26.61 -17.00
N LEU A 74 0.92 -27.82 -16.96
CA LEU A 74 1.67 -29.05 -16.80
C LEU A 74 1.18 -30.05 -17.84
N SER A 75 2.10 -30.57 -18.64
CA SER A 75 1.69 -31.32 -19.82
C SER A 75 1.72 -32.83 -19.59
N ASN A 76 2.90 -33.37 -19.28
CA ASN A 76 3.04 -34.81 -19.04
C ASN A 76 4.25 -34.99 -18.12
N ILE A 77 3.97 -35.19 -16.85
CA ILE A 77 4.98 -35.21 -15.80
C ILE A 77 4.79 -36.48 -14.98
N ASN A 78 5.79 -37.34 -14.99
CA ASN A 78 5.78 -38.57 -14.23
C ASN A 78 7.09 -38.71 -13.47
N GLY A 79 7.01 -39.27 -12.26
CA GLY A 79 8.18 -39.37 -11.42
C GLY A 79 7.86 -40.06 -10.11
N ILE A 80 8.92 -40.33 -9.35
CA ILE A 80 8.83 -40.94 -8.03
C ILE A 80 9.74 -40.15 -7.09
N MET A 81 9.21 -39.81 -5.92
CA MET A 81 9.92 -39.01 -4.93
C MET A 81 10.13 -39.86 -3.69
N LYS A 82 11.25 -40.58 -3.67
CA LYS A 82 11.60 -41.45 -2.56
C LYS A 82 12.02 -40.61 -1.36
N PRO A 83 12.13 -41.22 -0.18
CA PRO A 83 12.55 -40.46 1.00
C PRO A 83 13.91 -39.81 0.82
N GLY A 84 14.07 -38.67 1.43
CA GLY A 84 15.30 -37.91 1.34
C GLY A 84 14.99 -36.43 1.20
N LEU A 85 15.81 -35.76 0.41
CA LEU A 85 15.71 -34.33 0.17
C LEU A 85 15.51 -34.10 -1.32
N ASN A 86 14.26 -34.15 -1.75
CA ASN A 86 13.94 -34.01 -3.16
C ASN A 86 13.71 -32.55 -3.52
N ALA A 87 13.86 -32.24 -4.81
CA ALA A 87 13.85 -30.87 -5.28
C ALA A 87 13.04 -30.72 -6.55
N ILE A 88 12.64 -29.48 -6.82
CA ILE A 88 11.92 -29.11 -8.02
C ILE A 88 12.49 -27.79 -8.49
N LEU A 89 13.22 -27.82 -9.60
CA LEU A 89 13.91 -26.65 -10.13
C LEU A 89 13.32 -26.26 -11.48
N GLY A 90 13.65 -25.05 -11.90
CA GLY A 90 13.23 -24.54 -13.18
C GLY A 90 13.06 -23.04 -13.17
N PRO A 91 12.75 -22.47 -14.32
CA PRO A 91 12.52 -21.02 -14.40
C PRO A 91 11.25 -20.62 -13.67
N THR A 92 11.10 -19.31 -13.50
CA THR A 92 9.96 -18.78 -12.76
C THR A 92 8.64 -19.17 -13.41
N GLY A 93 8.56 -19.06 -14.73
CA GLY A 93 7.33 -19.40 -15.42
C GLY A 93 7.03 -20.89 -15.47
N GLY A 94 8.01 -21.74 -15.15
CA GLY A 94 7.77 -23.16 -15.15
C GLY A 94 6.83 -23.56 -14.02
N GLY A 95 6.14 -24.67 -14.23
CA GLY A 95 5.18 -25.14 -13.25
C GLY A 95 5.80 -25.91 -12.12
N LYS A 96 6.60 -25.24 -11.29
CA LYS A 96 7.19 -25.89 -10.13
C LYS A 96 6.32 -25.73 -8.89
N SER A 97 5.88 -24.50 -8.59
CA SER A 97 4.92 -24.31 -7.51
C SER A 97 3.60 -25.00 -7.84
N SER A 98 3.21 -24.98 -9.11
CA SER A 98 1.97 -25.65 -9.50
C SER A 98 2.08 -27.16 -9.29
N LEU A 99 3.20 -27.76 -9.66
CA LEU A 99 3.40 -29.17 -9.41
C LEU A 99 3.40 -29.47 -7.92
N LEU A 100 4.04 -28.61 -7.14
CA LEU A 100 4.07 -28.80 -5.70
C LEU A 100 2.66 -28.80 -5.12
N ASP A 101 1.85 -27.83 -5.51
CA ASP A 101 0.47 -27.79 -5.04
C ASP A 101 -0.31 -29.00 -5.50
N VAL A 102 -0.09 -29.44 -6.75
CA VAL A 102 -0.78 -30.62 -7.25
C VAL A 102 -0.48 -31.84 -6.40
N LEU A 103 0.79 -32.00 -6.01
CA LEU A 103 1.16 -33.16 -5.21
C LEU A 103 0.63 -33.04 -3.79
N ALA A 104 0.49 -31.82 -3.27
CA ALA A 104 0.02 -31.59 -1.92
C ALA A 104 -1.51 -31.55 -1.83
N ALA A 105 -2.21 -31.58 -2.95
CA ALA A 105 -3.66 -31.51 -3.04
C ALA A 105 -4.18 -30.12 -2.70
N ARG A 106 -3.34 -29.09 -2.78
CA ARG A 106 -3.76 -27.71 -2.58
C ARG A 106 -4.29 -27.07 -3.85
N LYS A 107 -4.57 -27.86 -4.88
CA LYS A 107 -5.09 -27.37 -6.14
C LYS A 107 -6.36 -28.13 -6.50
N ASP A 108 -7.24 -27.45 -7.22
CA ASP A 108 -8.56 -28.02 -7.51
C ASP A 108 -8.41 -29.29 -8.36
N PRO A 109 -9.18 -30.34 -8.06
CA PRO A 109 -9.10 -31.56 -8.88
C PRO A 109 -9.67 -31.41 -10.28
N SER A 110 -10.19 -30.24 -10.64
CA SER A 110 -10.86 -30.10 -11.92
C SER A 110 -9.90 -30.34 -13.08
N GLY A 111 -8.72 -29.73 -13.04
CA GLY A 111 -7.78 -29.84 -14.13
C GLY A 111 -6.89 -31.08 -14.07
N LEU A 112 -6.76 -31.66 -12.89
CA LEU A 112 -5.87 -32.80 -12.73
C LEU A 112 -6.35 -33.96 -13.60
N SER A 113 -5.41 -34.58 -14.31
CA SER A 113 -5.72 -35.67 -15.22
C SER A 113 -4.80 -36.86 -15.04
N GLY A 114 -4.22 -37.03 -13.86
CA GLY A 114 -3.27 -38.10 -13.61
C GLY A 114 -3.45 -38.71 -12.24
N ASP A 115 -2.66 -39.74 -11.99
CA ASP A 115 -2.76 -40.54 -10.77
C ASP A 115 -1.60 -40.20 -9.84
N VAL A 116 -1.92 -39.54 -8.72
CA VAL A 116 -0.97 -39.35 -7.63
C VAL A 116 -1.20 -40.49 -6.64
N LEU A 117 -0.14 -41.23 -6.35
CA LEU A 117 -0.23 -42.46 -5.57
C LEU A 117 0.91 -42.47 -4.56
N ILE A 118 0.56 -42.54 -3.28
CA ILE A 118 1.54 -42.43 -2.21
C ILE A 118 1.70 -43.79 -1.57
N ASN A 119 2.95 -44.27 -1.53
CA ASN A 119 3.29 -45.54 -0.88
C ASN A 119 2.46 -46.69 -1.43
N GLY A 120 2.10 -46.61 -2.70
CA GLY A 120 1.42 -47.70 -3.38
C GLY A 120 -0.09 -47.67 -3.34
N ALA A 121 -0.69 -46.71 -2.64
CA ALA A 121 -2.14 -46.62 -2.54
C ALA A 121 -2.61 -45.22 -2.86
N PRO A 122 -3.85 -45.07 -3.32
CA PRO A 122 -4.36 -43.72 -3.63
C PRO A 122 -4.30 -42.81 -2.42
N ARG A 123 -4.25 -41.53 -2.69
CA ARG A 123 -4.13 -40.54 -1.62
C ARG A 123 -5.34 -40.62 -0.70
N PRO A 124 -5.16 -40.72 0.62
CA PRO A 124 -6.30 -40.73 1.52
C PRO A 124 -6.97 -39.36 1.59
N ALA A 125 -8.21 -39.38 2.06
CA ALA A 125 -9.00 -38.14 2.15
C ALA A 125 -8.36 -37.17 3.14
N ASN A 126 -7.70 -37.67 4.18
CA ASN A 126 -7.09 -36.84 5.20
C ASN A 126 -5.64 -36.49 4.87
N PHE A 127 -5.27 -36.51 3.59
CA PHE A 127 -3.87 -36.28 3.24
C PHE A 127 -3.43 -34.88 3.61
N LYS A 128 -4.24 -33.87 3.30
CA LYS A 128 -3.86 -32.50 3.63
C LYS A 128 -3.59 -32.34 5.11
N CYS A 129 -4.34 -33.07 5.95
CA CYS A 129 -4.17 -32.94 7.39
C CYS A 129 -2.93 -33.67 7.87
N ASN A 130 -2.58 -34.79 7.22
CA ASN A 130 -1.44 -35.58 7.65
C ASN A 130 -0.13 -35.13 7.05
N SER A 131 -0.16 -34.19 6.11
CA SER A 131 1.03 -33.72 5.41
C SER A 131 1.16 -32.22 5.61
N GLY A 132 2.38 -31.76 5.88
CA GLY A 132 2.61 -30.35 6.09
C GLY A 132 2.92 -29.61 4.81
N TYR A 133 2.67 -28.31 4.84
CA TYR A 133 2.95 -27.42 3.73
C TYR A 133 3.37 -26.07 4.28
N VAL A 134 4.47 -25.55 3.75
CA VAL A 134 5.07 -24.31 4.23
C VAL A 134 4.99 -23.28 3.11
N VAL A 135 4.44 -22.12 3.44
CA VAL A 135 4.21 -21.10 2.42
C VAL A 135 5.50 -20.33 2.14
N GLN A 136 5.56 -19.73 0.95
CA GLN A 136 6.71 -18.94 0.56
C GLN A 136 6.85 -17.72 1.46
N ASP A 137 5.77 -16.97 1.63
CA ASP A 137 5.74 -15.84 2.54
C ASP A 137 5.13 -16.28 3.86
N ASP A 138 5.90 -16.17 4.94
CA ASP A 138 5.46 -16.69 6.23
C ASP A 138 4.20 -15.97 6.69
N VAL A 139 3.28 -16.73 7.27
CA VAL A 139 2.01 -16.21 7.75
C VAL A 139 1.96 -16.14 9.28
N VAL A 140 3.09 -16.39 9.95
CA VAL A 140 3.10 -16.38 11.41
C VAL A 140 2.66 -15.02 11.92
N MET A 141 2.10 -15.01 13.13
CA MET A 141 1.60 -13.79 13.73
C MET A 141 2.75 -13.08 14.45
N GLY A 142 3.10 -11.88 13.96
CA GLY A 142 4.19 -11.15 14.58
C GLY A 142 3.88 -10.74 16.01
N THR A 143 2.64 -10.36 16.28
CA THR A 143 2.28 -9.87 17.60
C THR A 143 2.38 -10.93 18.67
N LEU A 144 2.44 -12.20 18.29
CA LEU A 144 2.49 -13.29 19.24
C LEU A 144 3.91 -13.79 19.42
N THR A 145 4.16 -14.39 20.57
CA THR A 145 5.42 -15.03 20.85
C THR A 145 5.50 -16.37 20.14
N VAL A 146 6.72 -16.76 19.78
CA VAL A 146 6.99 -18.01 19.07
C VAL A 146 6.23 -19.16 19.71
N ARG A 147 6.44 -19.35 21.01
CA ARG A 147 5.81 -20.46 21.71
C ARG A 147 4.29 -20.35 21.64
N GLU A 148 3.76 -19.13 21.55
CA GLU A 148 2.31 -18.97 21.45
C GLU A 148 1.80 -19.50 20.12
N ASN A 149 2.50 -19.21 19.03
CA ASN A 149 2.08 -19.72 17.72
C ASN A 149 2.16 -21.23 17.69
N LEU A 150 3.25 -21.79 18.21
CA LEU A 150 3.36 -23.24 18.26
C LEU A 150 2.26 -23.85 19.12
N GLN A 151 1.90 -23.17 20.21
CA GLN A 151 0.83 -23.65 21.07
C GLN A 151 -0.51 -23.64 20.35
N PHE A 152 -0.75 -22.59 19.56
CA PHE A 152 -1.98 -22.51 18.78
C PHE A 152 -2.08 -23.66 17.78
N SER A 153 -1.00 -23.89 17.03
CA SER A 153 -1.00 -24.97 16.06
C SER A 153 -1.19 -26.32 16.74
N ALA A 154 -0.54 -26.54 17.87
CA ALA A 154 -0.72 -27.79 18.61
C ALA A 154 -2.14 -27.94 19.10
N ALA A 155 -2.76 -26.84 19.53
CA ALA A 155 -4.10 -26.91 20.06
C ALA A 155 -5.10 -27.33 19.01
N LEU A 156 -4.99 -26.77 17.81
CA LEU A 156 -5.99 -27.02 16.78
C LEU A 156 -5.69 -28.20 15.87
N ARG A 157 -4.42 -28.56 15.68
CA ARG A 157 -4.09 -29.69 14.84
C ARG A 157 -4.08 -31.00 15.63
N LEU A 158 -3.34 -31.04 16.74
CA LEU A 158 -3.29 -32.25 17.53
C LEU A 158 -4.65 -32.52 18.18
N ALA A 159 -4.85 -33.78 18.54
CA ALA A 159 -6.12 -34.18 19.14
C ALA A 159 -6.28 -33.56 20.52
N THR A 160 -7.54 -33.26 20.86
CA THR A 160 -7.85 -32.75 22.19
C THR A 160 -7.68 -33.82 23.26
N THR A 161 -7.65 -35.10 22.87
CA THR A 161 -7.46 -36.16 23.85
C THR A 161 -6.12 -36.02 24.55
N MET A 162 -5.09 -35.58 23.83
CA MET A 162 -3.80 -35.31 24.44
C MET A 162 -3.94 -34.26 25.54
N THR A 163 -3.25 -34.50 26.64
CA THR A 163 -3.24 -33.54 27.75
C THR A 163 -2.27 -32.41 27.44
N ASN A 164 -2.46 -31.29 28.14
CA ASN A 164 -1.62 -30.13 27.90
C ASN A 164 -0.16 -30.39 28.22
N HIS A 165 0.12 -31.27 29.19
CA HIS A 165 1.50 -31.60 29.51
C HIS A 165 2.19 -32.26 28.31
N GLU A 166 1.50 -33.22 27.68
CA GLU A 166 2.08 -33.89 26.53
C GLU A 166 2.32 -32.91 25.39
N LYS A 167 1.36 -32.02 25.13
CA LYS A 167 1.52 -31.03 24.08
C LYS A 167 2.68 -30.09 24.38
N ASN A 168 2.84 -29.71 25.64
CA ASN A 168 3.98 -28.87 26.01
C ASN A 168 5.29 -29.59 25.75
N GLU A 169 5.34 -30.89 26.07
CA GLU A 169 6.55 -31.67 25.78
C GLU A 169 6.83 -31.71 24.29
N ARG A 170 5.78 -31.91 23.48
CA ARG A 170 5.95 -31.94 22.03
C ARG A 170 6.50 -30.62 21.53
N ILE A 171 5.96 -29.51 22.02
CA ILE A 171 6.43 -28.19 21.61
C ILE A 171 7.89 -28.01 22.01
N ASN A 172 8.26 -28.47 23.19
CA ASN A 172 9.65 -28.35 23.62
C ASN A 172 10.57 -29.14 22.70
N ARG A 173 10.16 -30.36 22.33
CA ARG A 173 10.96 -31.15 21.40
C ARG A 173 11.16 -30.40 20.09
N VAL A 174 10.08 -29.87 19.53
CA VAL A 174 10.19 -29.18 18.25
C VAL A 174 11.11 -27.97 18.35
N ILE A 175 10.95 -27.18 19.42
CA ILE A 175 11.77 -25.99 19.58
C ILE A 175 13.24 -26.38 19.69
N GLN A 176 13.53 -27.44 20.44
CA GLN A 176 14.91 -27.90 20.56
C GLN A 176 15.45 -28.34 19.21
N GLU A 177 14.65 -29.08 18.43
CA GLU A 177 15.13 -29.55 17.13
C GLU A 177 15.46 -28.40 16.20
N LEU A 178 14.60 -27.38 16.15
CA LEU A 178 14.85 -26.28 15.22
C LEU A 178 15.97 -25.35 15.70
N GLY A 179 16.31 -25.41 16.99
CA GLY A 179 17.31 -24.52 17.53
C GLY A 179 16.80 -23.14 17.87
N LEU A 180 15.51 -23.01 18.17
CA LEU A 180 14.91 -21.73 18.53
C LEU A 180 14.79 -21.55 20.04
N ASP A 181 15.41 -22.43 20.83
CA ASP A 181 15.22 -22.39 22.27
C ASP A 181 15.52 -21.01 22.84
N LYS A 182 16.53 -20.33 22.30
CA LYS A 182 16.91 -19.02 22.83
C LYS A 182 15.79 -18.01 22.64
N VAL A 183 15.14 -18.01 21.48
CA VAL A 183 14.14 -17.01 21.13
C VAL A 183 12.72 -17.54 21.31
N ALA A 184 12.53 -18.58 22.14
CA ALA A 184 11.20 -19.14 22.31
C ALA A 184 10.23 -18.12 22.87
N ASP A 185 10.69 -17.27 23.79
CA ASP A 185 9.84 -16.32 24.49
C ASP A 185 9.95 -14.91 23.93
N SER A 186 10.31 -14.77 22.65
CA SER A 186 10.44 -13.47 22.02
C SER A 186 9.39 -13.31 20.94
N LYS A 187 8.87 -12.08 20.81
CA LYS A 187 7.86 -11.82 19.79
C LYS A 187 8.47 -11.99 18.40
N VAL A 188 7.70 -12.60 17.50
CA VAL A 188 8.22 -12.95 16.18
C VAL A 188 8.51 -11.70 15.37
N GLY A 189 7.58 -10.75 15.37
CA GLY A 189 7.77 -9.54 14.58
C GLY A 189 7.14 -9.64 13.21
N THR A 190 6.85 -8.49 12.61
CA THR A 190 6.14 -8.48 11.33
C THR A 190 7.12 -8.61 10.16
N GLN A 191 8.43 -8.59 10.45
CA GLN A 191 9.47 -8.61 9.42
C GLN A 191 9.59 -7.24 8.78
N PHE A 192 8.65 -6.35 9.06
CA PHE A 192 8.87 -4.93 8.87
C PHE A 192 9.01 -4.23 10.22
N ILE A 193 8.40 -4.80 11.24
CA ILE A 193 8.59 -4.38 12.61
C ILE A 193 9.61 -5.30 13.27
N ARG A 194 10.28 -4.80 14.30
CA ARG A 194 11.40 -5.52 14.88
C ARG A 194 10.95 -6.81 15.54
N GLY A 195 11.88 -7.77 15.59
CA GLY A 195 11.59 -9.07 16.17
C GLY A 195 12.71 -10.04 15.82
N VAL A 196 12.40 -11.33 15.92
CA VAL A 196 13.38 -12.34 15.56
C VAL A 196 13.76 -12.18 14.09
N SER A 197 14.90 -12.76 13.74
CA SER A 197 15.42 -12.64 12.38
C SER A 197 14.57 -13.43 11.40
N GLY A 198 14.70 -13.10 10.13
CA GLY A 198 13.90 -13.74 9.10
C GLY A 198 14.08 -15.26 9.10
N GLY A 199 15.32 -15.72 9.25
CA GLY A 199 15.55 -17.16 9.31
C GLY A 199 14.81 -17.81 10.46
N GLU A 200 14.74 -17.13 11.60
CA GLU A 200 14.01 -17.69 12.74
C GLU A 200 12.51 -17.71 12.47
N ARG A 201 11.99 -16.71 11.76
CA ARG A 201 10.58 -16.76 11.37
C ARG A 201 10.31 -17.96 10.47
N LYS A 202 11.19 -18.21 9.51
CA LYS A 202 11.03 -19.38 8.65
C LYS A 202 11.08 -20.67 9.46
N ARG A 203 12.05 -20.77 10.37
CA ARG A 203 12.11 -21.95 11.23
C ARG A 203 10.82 -22.10 12.04
N THR A 204 10.24 -20.98 12.46
CA THR A 204 9.00 -21.04 13.21
C THR A 204 7.88 -21.64 12.38
N SER A 205 7.75 -21.21 11.13
CA SER A 205 6.73 -21.79 10.25
C SER A 205 6.96 -23.29 10.10
N ILE A 206 8.20 -23.69 9.86
CA ILE A 206 8.51 -25.11 9.72
C ILE A 206 8.09 -25.87 10.96
N GLY A 207 8.31 -25.28 12.14
CA GLY A 207 7.90 -25.95 13.37
C GLY A 207 6.39 -26.07 13.49
N MET A 208 5.68 -25.00 13.13
CA MET A 208 4.22 -25.05 13.15
C MET A 208 3.71 -26.23 12.35
N GLU A 209 4.35 -26.51 11.21
CA GLU A 209 3.94 -27.65 10.41
C GLU A 209 4.47 -28.96 10.96
N LEU A 210 5.60 -28.93 11.66
CA LEU A 210 6.23 -30.14 12.19
C LEU A 210 5.60 -30.62 13.48
N ILE A 211 4.66 -29.87 14.06
CA ILE A 211 4.09 -30.27 15.34
C ILE A 211 3.52 -31.68 15.25
N THR A 212 2.79 -31.98 14.18
CA THR A 212 2.00 -33.19 14.08
C THR A 212 2.77 -34.38 13.51
N ASP A 213 4.09 -34.30 13.45
CA ASP A 213 4.91 -35.42 13.01
C ASP A 213 4.56 -35.83 11.59
N PRO A 214 4.66 -34.92 10.62
CA PRO A 214 4.29 -35.26 9.25
C PRO A 214 5.28 -36.23 8.62
N SER A 215 4.75 -37.21 7.90
CA SER A 215 5.62 -38.11 7.13
C SER A 215 6.13 -37.42 5.88
N ILE A 216 5.29 -36.65 5.20
CA ILE A 216 5.63 -35.93 3.99
C ILE A 216 5.52 -34.45 4.27
N LEU A 217 6.51 -33.68 3.84
CA LEU A 217 6.62 -32.27 4.17
C LEU A 217 6.93 -31.49 2.90
N PHE A 218 6.10 -30.50 2.59
CA PHE A 218 6.27 -29.67 1.41
C PHE A 218 6.72 -28.27 1.79
N LEU A 219 7.51 -27.67 0.91
CA LEU A 219 8.12 -26.37 1.17
C LEU A 219 8.15 -25.59 -0.14
N ASP A 220 7.52 -24.42 -0.15
CA ASP A 220 7.53 -23.57 -1.34
C ASP A 220 8.56 -22.48 -1.16
N GLU A 221 9.63 -22.53 -1.96
CA GLU A 221 10.69 -21.54 -1.92
C GLU A 221 11.16 -21.34 -0.48
N PRO A 222 11.75 -22.37 0.14
CA PRO A 222 12.18 -22.21 1.53
C PRO A 222 13.23 -21.12 1.71
N THR A 223 14.00 -20.81 0.68
CA THR A 223 15.07 -19.82 0.75
C THR A 223 14.86 -18.81 -0.38
N THR A 224 14.07 -17.78 -0.08
CA THR A 224 13.85 -16.66 -0.98
C THR A 224 13.69 -15.40 -0.13
N GLY A 225 14.61 -14.46 -0.28
CA GLY A 225 14.70 -13.33 0.61
C GLY A 225 15.63 -13.51 1.78
N LEU A 226 16.01 -14.75 2.08
CA LEU A 226 16.99 -15.01 3.13
C LEU A 226 18.39 -14.72 2.64
N ASP A 227 19.28 -14.44 3.58
CA ASP A 227 20.68 -14.24 3.26
C ASP A 227 21.34 -15.59 2.96
N SER A 228 22.46 -15.53 2.23
CA SER A 228 23.13 -16.75 1.80
C SER A 228 23.50 -17.62 2.99
N SER A 229 24.07 -17.03 4.04
CA SER A 229 24.39 -17.81 5.23
C SER A 229 23.14 -18.37 5.86
N THR A 230 22.09 -17.56 5.97
CA THR A 230 20.83 -18.03 6.54
C THR A 230 20.24 -19.15 5.69
N ALA A 231 20.30 -19.00 4.36
CA ALA A 231 19.78 -20.04 3.48
C ALA A 231 20.53 -21.35 3.67
N ASN A 232 21.86 -21.30 3.75
CA ASN A 232 22.63 -22.50 3.99
C ASN A 232 22.25 -23.14 5.32
N ALA A 233 22.04 -22.31 6.34
CA ALA A 233 21.63 -22.85 7.64
C ALA A 233 20.29 -23.56 7.55
N VAL A 234 19.32 -22.94 6.86
CA VAL A 234 18.00 -23.54 6.73
C VAL A 234 18.09 -24.89 6.03
N LEU A 235 18.85 -24.94 4.93
CA LEU A 235 18.92 -26.17 4.16
C LEU A 235 19.71 -27.26 4.88
N LEU A 236 20.72 -26.90 5.66
CA LEU A 236 21.37 -27.88 6.51
C LEU A 236 20.40 -28.44 7.54
N LEU A 237 19.54 -27.58 8.09
CA LEU A 237 18.51 -28.06 9.00
C LEU A 237 17.59 -29.06 8.32
N LEU A 238 17.19 -28.75 7.08
CA LEU A 238 16.31 -29.66 6.35
C LEU A 238 17.01 -30.98 6.08
N LYS A 239 18.31 -30.95 5.78
CA LYS A 239 19.05 -32.19 5.59
C LYS A 239 19.06 -33.02 6.86
N ARG A 240 19.25 -32.38 8.01
CA ARG A 240 19.19 -33.10 9.27
C ARG A 240 17.82 -33.72 9.48
N MET A 241 16.75 -32.99 9.15
CA MET A 241 15.41 -33.57 9.25
C MET A 241 15.26 -34.78 8.33
N SER A 242 15.77 -34.67 7.11
CA SER A 242 15.62 -35.74 6.13
C SER A 242 16.39 -37.00 6.51
N LYS A 243 17.53 -36.87 7.18
CA LYS A 243 18.26 -38.05 7.60
C LYS A 243 17.46 -38.93 8.54
N GLN A 244 16.40 -38.40 9.14
CA GLN A 244 15.54 -39.17 10.03
C GLN A 244 14.54 -40.03 9.29
N GLY A 245 14.42 -39.88 7.97
CA GLY A 245 13.45 -40.65 7.20
C GLY A 245 12.24 -39.86 6.75
N ARG A 246 12.19 -38.56 7.02
CA ARG A 246 11.07 -37.74 6.59
C ARG A 246 11.30 -37.27 5.16
N THR A 247 10.33 -37.54 4.28
CA THR A 247 10.44 -37.20 2.88
C THR A 247 10.13 -35.72 2.69
N ILE A 248 11.12 -34.95 2.27
CA ILE A 248 11.00 -33.51 2.09
C ILE A 248 10.97 -33.21 0.61
N ILE A 249 10.00 -32.40 0.20
CA ILE A 249 9.80 -32.01 -1.19
C ILE A 249 9.70 -30.50 -1.22
N PHE A 250 10.49 -29.85 -2.06
CA PHE A 250 10.55 -28.41 -2.05
C PHE A 250 10.96 -27.87 -3.41
N SER A 251 10.60 -26.61 -3.66
CA SER A 251 10.97 -25.87 -4.83
C SER A 251 11.84 -24.70 -4.43
N ILE A 252 12.83 -24.39 -5.26
CA ILE A 252 13.82 -23.36 -4.98
C ILE A 252 14.07 -22.54 -6.24
N HIS A 253 14.80 -21.45 -6.06
CA HIS A 253 15.17 -20.55 -7.15
C HIS A 253 16.63 -20.18 -6.98
N GLN A 254 17.39 -20.22 -8.08
CA GLN A 254 18.80 -19.85 -8.10
C GLN A 254 19.57 -20.41 -6.92
N PRO A 255 19.69 -21.73 -6.82
CA PRO A 255 20.49 -22.32 -5.75
C PRO A 255 21.99 -22.15 -6.00
N ARG A 256 22.75 -22.40 -4.95
CA ARG A 256 24.21 -22.42 -5.01
C ARG A 256 24.70 -23.86 -4.99
N TYR A 257 25.92 -24.05 -5.47
CA TYR A 257 26.47 -25.41 -5.53
C TYR A 257 26.59 -26.02 -4.14
N SER A 258 26.85 -25.19 -3.12
CA SER A 258 26.88 -25.71 -1.76
C SER A 258 25.53 -26.28 -1.37
N ILE A 259 24.45 -25.57 -1.73
CA ILE A 259 23.11 -26.09 -1.53
C ILE A 259 22.87 -27.31 -2.42
N PHE A 260 23.24 -27.19 -3.70
CA PHE A 260 22.92 -28.25 -4.66
C PHE A 260 23.59 -29.56 -4.31
N LYS A 261 24.71 -29.51 -3.58
CA LYS A 261 25.44 -30.74 -3.29
C LYS A 261 24.67 -31.61 -2.30
N LEU A 262 23.64 -31.06 -1.66
CA LEU A 262 22.92 -31.78 -0.62
C LEU A 262 21.69 -32.53 -1.15
N PHE A 263 21.31 -32.33 -2.39
CA PHE A 263 20.08 -32.91 -2.91
C PHE A 263 20.23 -34.42 -3.09
N ASP A 264 19.08 -35.09 -3.10
CA ASP A 264 18.98 -36.53 -3.33
C ASP A 264 18.25 -36.85 -4.63
N SER A 265 17.33 -35.99 -5.05
CA SER A 265 16.61 -36.14 -6.30
C SER A 265 16.41 -34.77 -6.92
N LEU A 266 16.31 -34.74 -8.25
CA LEU A 266 16.17 -33.50 -8.99
C LEU A 266 15.03 -33.65 -9.99
N THR A 267 14.20 -32.60 -10.10
CA THR A 267 13.06 -32.55 -11.01
C THR A 267 13.11 -31.21 -11.71
N LEU A 268 13.59 -31.20 -12.95
CA LEU A 268 13.75 -29.96 -13.68
C LEU A 268 12.55 -29.72 -14.59
N LEU A 269 11.95 -28.54 -14.49
CA LEU A 269 10.75 -28.20 -15.22
C LEU A 269 10.97 -26.92 -16.02
N ALA A 270 10.36 -26.88 -17.20
CA ALA A 270 10.47 -25.71 -18.07
C ALA A 270 9.22 -25.65 -18.93
N SER A 271 8.48 -24.54 -18.85
CA SER A 271 7.27 -24.33 -19.62
C SER A 271 6.31 -25.51 -19.51
N GLY A 272 6.13 -26.02 -18.29
CA GLY A 272 5.21 -27.10 -18.06
C GLY A 272 5.60 -28.41 -18.71
N ARG A 273 6.90 -28.70 -18.79
CA ARG A 273 7.37 -29.96 -19.33
C ARG A 273 8.55 -30.46 -18.51
N LEU A 274 8.75 -31.77 -18.54
CA LEU A 274 9.76 -32.43 -17.71
C LEU A 274 11.05 -32.55 -18.50
N MET A 275 12.04 -31.72 -18.15
CA MET A 275 13.34 -31.82 -18.80
C MET A 275 14.16 -32.97 -18.22
N PHE A 276 14.03 -33.22 -16.91
CA PHE A 276 14.84 -34.23 -16.26
C PHE A 276 14.22 -34.63 -14.94
N HIS A 277 14.29 -35.93 -14.63
CA HIS A 277 14.00 -36.43 -13.30
C HIS A 277 14.94 -37.58 -12.99
N GLY A 278 15.70 -37.45 -11.92
CA GLY A 278 16.60 -38.47 -11.47
C GLY A 278 17.49 -37.97 -10.36
N PRO A 279 18.50 -38.74 -10.00
CA PRO A 279 19.46 -38.27 -9.00
C PRO A 279 20.13 -36.99 -9.45
N ALA A 280 20.33 -36.08 -8.50
CA ALA A 280 20.93 -34.80 -8.84
C ALA A 280 22.40 -34.95 -9.21
N GLN A 281 23.08 -35.96 -8.65
CA GLN A 281 24.48 -36.16 -8.97
C GLN A 281 24.68 -36.50 -10.44
N GLU A 282 23.79 -37.31 -11.01
CA GLU A 282 23.94 -37.78 -12.38
C GLU A 282 23.42 -36.79 -13.41
N ALA A 283 22.77 -35.71 -12.99
CA ALA A 283 22.16 -34.79 -13.95
C ALA A 283 23.22 -34.16 -14.84
N LEU A 284 24.33 -33.75 -14.25
CA LEU A 284 25.39 -33.11 -15.04
C LEU A 284 25.96 -34.07 -16.07
N GLY A 285 26.19 -35.33 -15.67
CA GLY A 285 26.65 -36.30 -16.62
C GLY A 285 25.66 -36.51 -17.76
N TYR A 286 24.37 -36.53 -17.43
CA TYR A 286 23.35 -36.68 -18.47
C TYR A 286 23.44 -35.55 -19.48
N PHE A 287 23.43 -34.30 -19.00
CA PHE A 287 23.47 -33.17 -19.92
C PHE A 287 24.76 -33.16 -20.72
N GLU A 288 25.89 -33.45 -20.09
CA GLU A 288 27.15 -33.50 -20.82
C GLU A 288 27.10 -34.57 -21.90
N SER A 289 26.53 -35.73 -21.61
CA SER A 289 26.38 -36.76 -22.62
C SER A 289 25.49 -36.27 -23.76
N ALA A 290 24.51 -35.43 -23.45
CA ALA A 290 23.64 -34.88 -24.49
C ALA A 290 24.38 -33.93 -25.42
N GLY A 291 25.60 -33.52 -25.05
CA GLY A 291 26.39 -32.61 -25.85
C GLY A 291 26.59 -31.25 -25.23
N TYR A 292 25.76 -30.86 -24.26
CA TYR A 292 25.88 -29.56 -23.61
C TYR A 292 26.98 -29.63 -22.56
N HIS A 293 28.22 -29.45 -23.00
CA HIS A 293 29.34 -29.42 -22.07
C HIS A 293 29.26 -28.18 -21.19
N CYS A 294 29.87 -28.29 -20.01
CA CYS A 294 29.83 -27.24 -18.99
C CYS A 294 31.24 -26.74 -18.72
N GLU A 295 31.35 -25.44 -18.44
CA GLU A 295 32.61 -24.83 -18.08
C GLU A 295 32.85 -24.94 -16.57
N ALA A 296 34.09 -24.71 -16.16
CA ALA A 296 34.43 -24.76 -14.76
C ALA A 296 34.02 -23.46 -14.07
N TYR A 297 34.03 -23.50 -12.74
CA TYR A 297 33.65 -22.36 -11.92
C TYR A 297 32.26 -21.86 -12.26
N ASN A 298 31.40 -22.76 -12.73
CA ASN A 298 30.02 -22.46 -13.07
C ASN A 298 29.11 -23.38 -12.29
N ASN A 299 28.17 -22.81 -11.57
CA ASN A 299 27.26 -23.60 -10.75
C ASN A 299 26.40 -24.48 -11.65
N PRO A 300 26.36 -25.80 -11.44
CA PRO A 300 25.61 -26.66 -12.36
C PRO A 300 24.14 -26.29 -12.47
N ALA A 301 23.53 -25.77 -11.40
CA ALA A 301 22.15 -25.33 -11.49
C ALA A 301 22.00 -24.22 -12.52
N ASP A 302 22.92 -23.25 -12.48
CA ASP A 302 22.90 -22.17 -13.46
C ASP A 302 23.11 -22.72 -14.86
N PHE A 303 23.97 -23.73 -15.02
CA PHE A 303 24.18 -24.34 -16.32
C PHE A 303 22.90 -25.00 -16.83
N PHE A 304 22.19 -25.69 -15.95
CA PHE A 304 20.94 -26.34 -16.35
C PHE A 304 19.92 -25.31 -16.80
N LEU A 305 19.79 -24.22 -16.06
CA LEU A 305 18.86 -23.16 -16.48
C LEU A 305 19.33 -22.50 -17.76
N ASP A 306 20.64 -22.34 -17.93
CA ASP A 306 21.16 -21.72 -19.14
C ASP A 306 20.82 -22.54 -20.37
N ILE A 307 20.91 -23.87 -20.25
CA ILE A 307 20.57 -24.74 -21.38
C ILE A 307 19.16 -24.43 -21.86
N ILE A 308 18.22 -24.30 -20.93
CA ILE A 308 16.84 -23.99 -21.29
C ILE A 308 16.74 -22.60 -21.89
N ASN A 309 17.40 -21.62 -21.27
CA ASN A 309 17.32 -20.24 -21.76
C ASN A 309 17.88 -20.12 -23.17
N GLY A 310 18.72 -21.06 -23.58
CA GLY A 310 19.35 -21.01 -24.89
C GLY A 310 20.65 -20.25 -24.95
N ASP A 311 21.15 -19.78 -23.80
CA ASP A 311 22.39 -19.01 -23.77
C ASP A 311 23.57 -19.91 -23.37
N LEU A 338 13.33 -26.13 -29.17
CA LEU A 338 14.39 -26.45 -28.23
C LEU A 338 13.86 -27.26 -27.05
N ILE A 339 12.87 -26.70 -26.36
CA ILE A 339 12.35 -27.34 -25.16
C ILE A 339 11.76 -28.71 -25.49
N GLU A 340 10.99 -28.80 -26.56
CA GLU A 340 10.46 -30.09 -26.97
C GLU A 340 11.58 -31.05 -27.32
N LYS A 341 12.65 -30.55 -27.93
CA LYS A 341 13.80 -31.39 -28.24
C LYS A 341 14.40 -31.98 -26.97
N LEU A 342 14.58 -31.16 -25.94
CA LEU A 342 15.11 -31.66 -24.67
C LEU A 342 14.17 -32.68 -24.05
N ALA A 343 12.86 -32.42 -24.10
CA ALA A 343 11.90 -33.36 -23.54
C ALA A 343 11.99 -34.71 -24.24
N GLU A 344 12.09 -34.71 -25.56
CA GLU A 344 12.23 -35.96 -26.29
C GLU A 344 13.52 -36.66 -25.93
N ILE A 345 14.60 -35.89 -25.78
CA ILE A 345 15.88 -36.48 -25.36
C ILE A 345 15.71 -37.20 -24.02
N TYR A 346 15.01 -36.57 -23.08
CA TYR A 346 14.76 -37.23 -21.80
C TYR A 346 13.92 -38.48 -21.98
N VAL A 347 12.90 -38.41 -22.84
CA VAL A 347 12.04 -39.56 -23.07
C VAL A 347 12.86 -40.73 -23.59
N ASN A 348 13.94 -40.46 -24.31
CA ASN A 348 14.82 -41.50 -24.81
C ASN A 348 15.95 -41.83 -23.85
N SER A 349 15.88 -41.31 -22.62
CA SER A 349 16.93 -41.51 -21.63
C SER A 349 16.78 -42.86 -20.95
N SER A 350 17.80 -43.24 -20.17
CA SER A 350 17.72 -44.42 -19.34
C SER A 350 17.01 -44.17 -18.01
N PHE A 351 16.85 -42.90 -17.63
CA PHE A 351 16.15 -42.56 -16.40
C PHE A 351 14.65 -42.48 -16.59
N TYR A 352 14.16 -42.58 -17.81
CA TYR A 352 12.73 -42.55 -18.10
C TYR A 352 12.14 -43.95 -18.18
N LYS A 353 12.79 -44.87 -18.90
CA LYS A 353 12.31 -46.23 -18.97
C LYS A 353 12.32 -46.90 -17.61
N GLU A 354 13.36 -46.64 -16.82
CA GLU A 354 13.43 -47.21 -15.47
C GLU A 354 12.29 -46.68 -14.61
N THR A 355 12.05 -45.37 -14.66
CA THR A 355 10.95 -44.79 -13.90
C THR A 355 9.61 -45.36 -14.36
N LYS A 356 9.43 -45.53 -15.66
CA LYS A 356 8.21 -46.15 -16.16
C LYS A 356 8.04 -47.55 -15.59
N ALA A 357 9.11 -48.34 -15.57
CA ALA A 357 9.03 -49.69 -15.05
C ALA A 357 8.61 -49.68 -13.58
N GLU A 358 9.24 -48.80 -12.79
CA GLU A 358 8.92 -48.74 -11.37
C GLU A 358 7.47 -48.32 -11.16
N LEU A 359 7.01 -47.32 -11.91
CA LEU A 359 5.63 -46.86 -11.75
C LEU A 359 4.63 -47.93 -12.16
N HIS A 360 4.89 -48.63 -13.26
CA HIS A 360 4.02 -49.72 -13.65
C HIS A 360 4.00 -50.82 -12.59
N GLN A 361 5.15 -51.08 -11.96
CA GLN A 361 5.21 -52.07 -10.90
C GLN A 361 4.35 -51.66 -9.71
N LEU A 362 4.43 -50.39 -9.32
CA LEU A 362 3.64 -49.92 -8.17
C LEU A 362 2.16 -49.88 -8.48
N SER A 363 1.78 -49.42 -9.67
CA SER A 363 0.37 -49.26 -10.00
C SER A 363 -0.29 -50.61 -10.24
N GLY A 364 0.18 -51.36 -11.22
CA GLY A 364 -0.40 -52.65 -11.55
C GLY A 364 0.03 -53.74 -10.58
N TYR A 379 -13.26 -33.42 11.59
CA TYR A 379 -12.58 -32.38 12.34
C TYR A 379 -12.17 -32.89 13.71
N THR A 380 -10.89 -32.67 14.06
CA THR A 380 -10.37 -33.15 15.32
C THR A 380 -11.02 -32.46 16.51
N THR A 381 -11.16 -31.14 16.45
CA THR A 381 -11.57 -30.34 17.58
C THR A 381 -13.03 -29.94 17.47
N SER A 382 -13.62 -29.63 18.62
CA SER A 382 -15.00 -29.18 18.71
C SER A 382 -15.11 -27.70 18.33
N PHE A 383 -16.35 -27.25 18.14
CA PHE A 383 -16.58 -25.88 17.70
C PHE A 383 -16.14 -24.87 18.76
N CYS A 384 -16.45 -25.12 20.03
CA CYS A 384 -16.08 -24.20 21.09
C CYS A 384 -14.57 -24.07 21.22
N HIS A 385 -13.82 -25.16 21.08
CA HIS A 385 -12.37 -25.08 21.18
C HIS A 385 -11.81 -24.17 20.09
N GLN A 386 -12.27 -24.36 18.85
CA GLN A 386 -11.82 -23.53 17.74
C GLN A 386 -12.16 -22.06 18.00
N LEU A 387 -13.38 -21.82 18.47
CA LEU A 387 -13.82 -20.45 18.70
C LEU A 387 -12.98 -19.78 19.78
N ARG A 388 -12.76 -20.48 20.89
CA ARG A 388 -11.97 -19.93 21.97
C ARG A 388 -10.58 -19.55 21.49
N TRP A 389 -9.92 -20.47 20.77
CA TRP A 389 -8.52 -20.24 20.44
C TRP A 389 -8.37 -19.16 19.37
N VAL A 390 -9.25 -19.13 18.38
CA VAL A 390 -9.15 -18.08 17.37
C VAL A 390 -9.43 -16.72 17.99
N SER A 391 -10.41 -16.65 18.91
CA SER A 391 -10.68 -15.38 19.59
C SER A 391 -9.50 -14.95 20.44
N LYS A 392 -8.87 -15.89 21.14
CA LYS A 392 -7.70 -15.55 21.95
C LYS A 392 -6.58 -15.00 21.09
N ARG A 393 -6.31 -15.63 19.96
CA ARG A 393 -5.25 -15.15 19.08
C ARG A 393 -5.58 -13.75 18.55
N SER A 394 -6.84 -13.52 18.18
CA SER A 394 -7.22 -12.21 17.67
C SER A 394 -7.06 -11.14 18.75
N PHE A 395 -7.45 -11.45 19.99
CA PHE A 395 -7.33 -10.47 21.06
C PHE A 395 -5.86 -10.15 21.35
N LYS A 396 -5.01 -11.17 21.36
CA LYS A 396 -3.58 -10.93 21.55
C LYS A 396 -3.02 -10.07 20.42
N ASN A 397 -3.47 -10.29 19.20
CA ASN A 397 -3.03 -9.46 18.09
C ASN A 397 -3.51 -8.03 18.26
N LEU A 398 -4.71 -7.85 18.81
CA LEU A 398 -5.25 -6.51 19.01
C LEU A 398 -4.46 -5.75 20.07
N LEU A 399 -4.16 -6.41 21.19
CA LEU A 399 -3.40 -5.76 22.25
C LEU A 399 -1.95 -5.53 21.84
N GLY A 400 -1.36 -6.50 21.14
CA GLY A 400 0.06 -6.41 20.83
C GLY A 400 0.37 -5.29 19.85
N ASN A 401 -0.63 -4.85 19.08
CA ASN A 401 -0.49 -3.77 18.12
C ASN A 401 -1.57 -2.73 18.44
N PRO A 402 -1.40 -1.95 19.50
CA PRO A 402 -2.44 -1.03 19.94
C PRO A 402 -2.41 0.35 19.30
N GLN A 403 -1.55 0.57 18.30
CA GLN A 403 -1.43 1.90 17.73
C GLN A 403 -2.74 2.38 17.12
N ALA A 404 -3.44 1.49 16.42
CA ALA A 404 -4.65 1.90 15.72
C ALA A 404 -5.82 2.13 16.68
N SER A 405 -6.08 1.16 17.56
CA SER A 405 -7.22 1.29 18.47
C SER A 405 -7.06 2.50 19.38
N ILE A 406 -5.86 2.69 19.93
CA ILE A 406 -5.63 3.81 20.85
C ILE A 406 -5.93 5.12 20.16
N ALA A 407 -5.53 5.26 18.89
CA ALA A 407 -5.78 6.51 18.18
C ALA A 407 -7.27 6.78 18.04
N GLN A 408 -8.05 5.75 17.71
CA GLN A 408 -9.49 5.94 17.57
C GLN A 408 -10.11 6.35 18.90
N ILE A 409 -9.68 5.71 19.99
CA ILE A 409 -10.20 6.08 21.31
C ILE A 409 -9.86 7.53 21.62
N ILE A 410 -8.63 7.94 21.33
CA ILE A 410 -8.21 9.31 21.61
C ILE A 410 -9.05 10.29 20.80
N VAL A 411 -9.26 9.99 19.52
CA VAL A 411 -10.07 10.87 18.68
C VAL A 411 -11.48 10.98 19.23
N THR A 412 -12.05 9.85 19.64
CA THR A 412 -13.41 9.86 20.18
C THR A 412 -13.51 10.75 21.41
N VAL A 413 -12.56 10.60 22.33
CA VAL A 413 -12.60 11.40 23.55
C VAL A 413 -12.43 12.88 23.25
N VAL A 414 -11.49 13.21 22.37
CA VAL A 414 -11.24 14.61 22.03
C VAL A 414 -12.49 15.24 21.41
N LEU A 415 -13.11 14.52 20.48
CA LEU A 415 -14.33 15.03 19.87
C LEU A 415 -15.44 15.21 20.89
N GLY A 416 -15.56 14.27 21.83
CA GLY A 416 -16.59 14.39 22.84
C GLY A 416 -16.40 15.63 23.70
N LEU A 417 -15.16 15.88 24.13
CA LEU A 417 -14.89 17.04 24.96
C LEU A 417 -15.01 18.35 24.20
N VAL A 418 -14.71 18.35 22.91
CA VAL A 418 -14.91 19.55 22.11
C VAL A 418 -16.39 19.83 21.94
N ILE A 419 -17.17 18.80 21.59
CA ILE A 419 -18.60 18.98 21.38
C ILE A 419 -19.30 19.40 22.66
N GLY A 420 -18.89 18.87 23.80
CA GLY A 420 -19.49 19.31 25.05
C GLY A 420 -19.27 20.78 25.32
N ALA A 421 -18.11 21.30 24.93
CA ALA A 421 -17.83 22.71 25.15
C ALA A 421 -18.57 23.59 24.15
N ILE A 422 -18.66 23.14 22.90
CA ILE A 422 -19.30 23.94 21.87
C ILE A 422 -20.81 24.04 22.11
N TYR A 423 -21.45 22.92 22.44
CA TYR A 423 -22.89 22.88 22.63
C TYR A 423 -23.28 22.98 24.10
N PHE A 424 -22.40 23.51 24.94
CA PHE A 424 -22.67 23.51 26.37
C PHE A 424 -23.93 24.31 26.69
N GLY A 425 -24.77 23.75 27.55
CA GLY A 425 -25.92 24.45 28.07
C GLY A 425 -26.98 24.73 27.03
N LEU A 426 -27.41 23.71 26.31
CA LEU A 426 -28.49 23.86 25.35
C LEU A 426 -29.70 24.49 26.02
N LYS A 427 -30.26 25.49 25.37
CA LYS A 427 -31.37 26.26 25.92
C LYS A 427 -32.65 25.96 25.15
N ASN A 428 -33.78 26.11 25.85
CA ASN A 428 -35.09 25.96 25.25
C ASN A 428 -35.55 27.32 24.75
N ASP A 429 -34.94 27.75 23.65
CA ASP A 429 -35.24 29.04 23.04
C ASP A 429 -35.24 28.85 21.53
N SER A 430 -35.21 29.97 20.80
CA SER A 430 -35.34 29.91 19.35
C SER A 430 -34.28 29.02 18.72
N THR A 431 -33.10 28.94 19.32
CA THR A 431 -31.98 28.23 18.73
C THR A 431 -31.78 26.84 19.31
N GLY A 432 -32.68 26.36 20.16
CA GLY A 432 -32.51 25.03 20.71
C GLY A 432 -32.64 23.95 19.67
N ILE A 433 -33.62 24.09 18.79
CA ILE A 433 -33.90 23.04 17.80
C ILE A 433 -32.68 22.80 16.92
N GLN A 434 -32.08 23.88 16.41
CA GLN A 434 -30.98 23.71 15.49
C GLN A 434 -29.81 22.98 16.15
N ASN A 435 -29.42 23.43 17.34
CA ASN A 435 -28.28 22.83 18.02
C ASN A 435 -28.53 21.37 18.35
N ARG A 436 -29.71 21.07 18.87
CA ARG A 436 -30.02 19.68 19.23
C ARG A 436 -29.97 18.79 18.00
N ALA A 437 -30.69 19.17 16.94
CA ALA A 437 -30.69 18.36 15.74
C ALA A 437 -29.29 18.21 15.18
N GLY A 438 -28.49 19.28 15.24
CA GLY A 438 -27.16 19.22 14.67
C GLY A 438 -26.25 18.26 15.40
N VAL A 439 -26.27 18.29 16.73
CA VAL A 439 -25.39 17.41 17.49
C VAL A 439 -25.81 15.96 17.28
N LEU A 440 -27.11 15.68 17.28
CA LEU A 440 -27.55 14.32 17.05
C LEU A 440 -27.13 13.84 15.67
N PHE A 441 -27.27 14.68 14.65
CA PHE A 441 -26.85 14.33 13.31
C PHE A 441 -25.36 14.04 13.27
N PHE A 442 -24.55 14.88 13.92
CA PHE A 442 -23.11 14.69 13.90
C PHE A 442 -22.73 13.36 14.55
N LEU A 443 -23.32 13.06 15.71
CA LEU A 443 -22.99 11.82 16.39
C LEU A 443 -23.33 10.62 15.51
N THR A 444 -24.51 10.63 14.91
CA THR A 444 -24.92 9.51 14.07
C THR A 444 -23.96 9.32 12.89
N THR A 445 -23.67 10.40 12.16
CA THR A 445 -22.82 10.28 10.98
C THR A 445 -21.39 9.94 11.35
N ASN A 446 -20.92 10.40 12.51
CA ASN A 446 -19.58 10.02 12.95
C ASN A 446 -19.52 8.54 13.27
N GLN A 447 -20.57 7.99 13.90
CA GLN A 447 -20.59 6.56 14.13
C GLN A 447 -20.64 5.77 12.84
N CYS A 448 -21.27 6.31 11.80
CA CYS A 448 -21.37 5.60 10.53
C CYS A 448 -20.08 5.66 9.73
N PHE A 449 -19.50 6.85 9.57
CA PHE A 449 -18.33 7.00 8.71
C PHE A 449 -17.06 6.47 9.34
N SER A 450 -17.03 6.31 10.66
CA SER A 450 -15.85 5.76 11.31
C SER A 450 -15.79 4.24 11.23
N SER A 451 -16.81 3.60 10.66
CA SER A 451 -16.88 2.16 10.56
C SER A 451 -16.36 1.63 9.24
N VAL A 452 -15.85 2.50 8.37
CA VAL A 452 -15.24 2.04 7.11
C VAL A 452 -13.85 1.48 7.33
N SER A 453 -13.36 1.46 8.57
CA SER A 453 -12.09 0.85 8.92
C SER A 453 -12.23 -0.64 9.24
N ALA A 454 -13.44 -1.18 9.15
CA ALA A 454 -13.68 -2.60 9.37
C ALA A 454 -13.45 -3.44 8.13
N VAL A 455 -13.26 -2.81 6.96
CA VAL A 455 -12.98 -3.56 5.76
C VAL A 455 -11.68 -4.34 5.90
N GLU A 456 -10.75 -3.81 6.69
CA GLU A 456 -9.44 -4.43 6.87
C GLU A 456 -9.48 -5.65 7.79
N LEU A 457 -10.62 -5.94 8.41
CA LEU A 457 -10.67 -7.02 9.38
C LEU A 457 -10.35 -8.36 8.75
N PHE A 458 -10.94 -8.64 7.59
CA PHE A 458 -10.75 -9.90 6.90
C PHE A 458 -9.83 -9.80 5.70
N VAL A 459 -9.73 -8.62 5.09
CA VAL A 459 -8.86 -8.44 3.93
C VAL A 459 -7.41 -8.72 4.29
N VAL A 460 -6.98 -8.24 5.45
CA VAL A 460 -5.59 -8.36 5.85
C VAL A 460 -5.18 -9.82 6.02
N GLU A 461 -6.06 -10.63 6.61
CA GLU A 461 -5.74 -12.00 7.00
C GLU A 461 -6.34 -13.02 6.04
N LYS A 462 -6.42 -12.66 4.76
CA LYS A 462 -7.04 -13.55 3.78
C LYS A 462 -6.18 -14.78 3.51
N LYS A 463 -4.89 -14.57 3.26
CA LYS A 463 -4.01 -15.67 2.92
C LYS A 463 -3.89 -16.64 4.09
N LEU A 464 -3.76 -16.10 5.31
CA LEU A 464 -3.67 -16.96 6.49
C LEU A 464 -4.94 -17.78 6.67
N PHE A 465 -6.09 -17.15 6.48
CA PHE A 465 -7.36 -17.87 6.61
C PHE A 465 -7.44 -19.01 5.62
N ILE A 466 -7.09 -18.75 4.36
CA ILE A 466 -7.17 -19.79 3.35
C ILE A 466 -6.23 -20.94 3.70
N HIS A 467 -4.99 -20.61 4.06
CA HIS A 467 -4.02 -21.66 4.38
C HIS A 467 -4.48 -22.52 5.53
N GLU A 468 -4.99 -21.89 6.60
CA GLU A 468 -5.35 -22.65 7.79
C GLU A 468 -6.64 -23.44 7.58
N TYR A 469 -7.54 -22.94 6.72
CA TYR A 469 -8.73 -23.71 6.43
C TYR A 469 -8.39 -24.96 5.62
N ILE A 470 -7.54 -24.80 4.60
CA ILE A 470 -7.15 -25.96 3.81
C ILE A 470 -6.38 -26.95 4.67
N SER A 471 -5.57 -26.46 5.60
CA SER A 471 -4.78 -27.33 6.45
C SER A 471 -5.61 -28.03 7.52
N GLY A 472 -6.88 -27.66 7.69
CA GLY A 472 -7.74 -28.31 8.65
C GLY A 472 -7.74 -27.73 10.04
N TYR A 473 -7.27 -26.49 10.21
CA TYR A 473 -7.24 -25.89 11.54
C TYR A 473 -8.64 -25.73 12.11
N TYR A 474 -9.54 -25.12 11.35
CA TYR A 474 -10.84 -24.73 11.88
C TYR A 474 -11.86 -24.70 10.75
N ARG A 475 -13.12 -24.56 11.14
CA ARG A 475 -14.21 -24.38 10.20
C ARG A 475 -14.32 -22.91 9.80
N VAL A 476 -15.12 -22.67 8.76
CA VAL A 476 -15.34 -21.32 8.29
C VAL A 476 -16.32 -20.54 9.14
N SER A 477 -17.02 -21.22 10.05
CA SER A 477 -17.96 -20.59 10.97
C SER A 477 -17.27 -20.09 12.23
N SER A 478 -16.41 -20.93 12.81
CA SER A 478 -15.72 -20.56 14.04
C SER A 478 -14.82 -19.35 13.81
N TYR A 479 -14.12 -19.31 12.68
CA TYR A 479 -13.31 -18.15 12.36
C TYR A 479 -14.15 -16.89 12.32
N PHE A 480 -15.30 -16.94 11.66
CA PHE A 480 -16.15 -15.78 11.54
C PHE A 480 -16.62 -15.29 12.91
N LEU A 481 -17.20 -16.20 13.70
CA LEU A 481 -17.73 -15.81 15.00
C LEU A 481 -16.64 -15.32 15.94
N GLY A 482 -15.51 -16.02 15.99
CA GLY A 482 -14.44 -15.62 16.89
C GLY A 482 -13.85 -14.27 16.52
N LYS A 483 -13.61 -14.06 15.23
CA LYS A 483 -13.07 -12.78 14.78
C LYS A 483 -14.03 -11.63 15.08
N LEU A 484 -15.34 -11.83 14.90
CA LEU A 484 -16.29 -10.81 15.31
C LEU A 484 -16.22 -10.56 16.81
N LEU A 485 -16.34 -11.63 17.60
CA LEU A 485 -16.40 -11.49 19.05
C LEU A 485 -15.16 -10.79 19.58
N SER A 486 -14.04 -10.89 18.89
CA SER A 486 -12.79 -10.32 19.38
C SER A 486 -12.57 -8.90 18.87
N ASP A 487 -12.68 -8.71 17.56
CA ASP A 487 -12.24 -7.47 16.94
C ASP A 487 -13.35 -6.45 16.69
N LEU A 488 -14.62 -6.87 16.73
CA LEU A 488 -15.72 -6.00 16.34
C LEU A 488 -16.52 -5.50 17.55
N LEU A 489 -17.00 -6.40 18.39
CA LEU A 489 -17.88 -6.01 19.49
C LEU A 489 -17.27 -4.94 20.39
N PRO A 490 -16.07 -5.13 20.94
CA PRO A 490 -15.58 -4.14 21.92
C PRO A 490 -15.23 -2.80 21.30
N MET A 491 -14.52 -2.81 20.17
CA MET A 491 -14.08 -1.56 19.56
C MET A 491 -15.27 -0.68 19.19
N ARG A 492 -16.32 -1.30 18.64
CA ARG A 492 -17.49 -0.53 18.25
C ARG A 492 -18.40 -0.23 19.44
N MET A 493 -18.29 -1.01 20.51
CA MET A 493 -19.17 -0.79 21.67
C MET A 493 -18.64 0.33 22.56
N LEU A 494 -17.35 0.63 22.47
CA LEU A 494 -16.75 1.64 23.35
C LEU A 494 -17.16 3.06 22.99
N PRO A 495 -16.96 3.49 21.74
CA PRO A 495 -17.20 4.90 21.40
C PRO A 495 -18.56 5.43 21.79
N SER A 496 -19.60 4.61 21.63
CA SER A 496 -20.94 5.04 22.01
C SER A 496 -20.99 5.38 23.50
N ILE A 497 -20.43 4.51 24.33
CA ILE A 497 -20.42 4.74 25.77
C ILE A 497 -19.65 6.01 26.10
N ILE A 498 -18.47 6.17 25.49
CA ILE A 498 -17.64 7.33 25.76
C ILE A 498 -18.40 8.61 25.39
N PHE A 499 -18.92 8.67 24.17
CA PHE A 499 -19.64 9.86 23.72
C PHE A 499 -20.77 10.21 24.65
N THR A 500 -21.65 9.25 24.93
CA THR A 500 -22.82 9.55 25.74
C THR A 500 -22.42 10.00 27.13
N CYS A 501 -21.53 9.26 27.79
CA CYS A 501 -21.15 9.61 29.15
C CYS A 501 -20.55 11.01 29.21
N ILE A 502 -19.78 11.38 28.20
CA ILE A 502 -19.12 12.68 28.22
C ILE A 502 -20.11 13.81 27.96
N VAL A 503 -20.93 13.68 26.91
CA VAL A 503 -21.67 14.82 26.39
C VAL A 503 -23.08 14.95 26.95
N TYR A 504 -23.70 13.86 27.41
CA TYR A 504 -25.12 13.91 27.69
C TYR A 504 -25.45 14.94 28.76
N PHE A 505 -24.58 15.11 29.75
CA PHE A 505 -24.85 16.02 30.85
C PHE A 505 -24.15 17.36 30.71
N MET A 506 -23.12 17.45 29.87
CA MET A 506 -22.57 18.74 29.52
C MET A 506 -23.55 19.53 28.66
N LEU A 507 -24.18 18.86 27.70
CA LEU A 507 -25.11 19.51 26.79
C LEU A 507 -26.46 19.82 27.43
N GLY A 508 -26.77 19.23 28.57
CA GLY A 508 -28.06 19.45 29.18
C GLY A 508 -29.20 18.85 28.39
N LEU A 509 -29.03 17.60 27.93
CA LEU A 509 -30.09 16.88 27.26
C LEU A 509 -31.04 16.35 28.32
N LYS A 510 -31.96 15.47 27.94
CA LYS A 510 -33.05 15.08 28.82
C LYS A 510 -32.52 14.56 30.15
N PRO A 511 -33.09 14.98 31.27
CA PRO A 511 -32.49 14.67 32.57
C PRO A 511 -32.89 13.32 33.15
N LYS A 512 -33.44 12.43 32.33
CA LYS A 512 -33.96 11.16 32.79
C LYS A 512 -32.98 10.03 32.49
N ALA A 513 -33.23 8.88 33.13
CA ALA A 513 -32.41 7.71 32.88
C ALA A 513 -32.94 6.87 31.72
N ASP A 514 -34.26 6.86 31.54
CA ASP A 514 -34.85 6.09 30.45
C ASP A 514 -34.27 6.51 29.10
N ALA A 515 -33.88 7.77 28.96
CA ALA A 515 -33.39 8.30 27.71
C ALA A 515 -31.90 8.12 27.51
N PHE A 516 -31.13 8.15 28.59
CA PHE A 516 -29.68 8.00 28.48
C PHE A 516 -29.31 6.67 27.85
N PHE A 517 -29.92 5.59 28.32
CA PHE A 517 -29.57 4.27 27.81
C PHE A 517 -30.17 4.01 26.44
N VAL A 518 -31.33 4.62 26.15
CA VAL A 518 -31.85 4.56 24.79
C VAL A 518 -30.86 5.17 23.81
N MET A 519 -30.26 6.30 24.20
CA MET A 519 -29.28 6.96 23.34
C MET A 519 -28.06 6.07 23.14
N MET A 520 -27.56 5.47 24.23
CA MET A 520 -26.40 4.61 24.12
C MET A 520 -26.69 3.40 23.24
N PHE A 521 -27.84 2.76 23.46
CA PHE A 521 -28.22 1.60 22.67
C PHE A 521 -28.36 1.96 21.20
N THR A 522 -28.98 3.10 20.91
CA THR A 522 -29.16 3.53 19.53
C THR A 522 -27.83 3.70 18.83
N LEU A 523 -26.88 4.37 19.49
CA LEU A 523 -25.58 4.60 18.86
C LEU A 523 -24.83 3.28 18.64
N MET A 524 -24.90 2.38 19.62
CA MET A 524 -24.23 1.09 19.45
C MET A 524 -24.81 0.33 18.27
N MET A 525 -26.13 0.31 18.13
CA MET A 525 -26.75 -0.40 17.02
C MET A 525 -26.39 0.23 15.69
N VAL A 526 -26.33 1.56 15.61
CA VAL A 526 -25.92 2.19 14.36
C VAL A 526 -24.51 1.77 13.99
N ALA A 527 -23.58 1.77 14.96
CA ALA A 527 -22.21 1.40 14.66
C ALA A 527 -22.12 -0.06 14.22
N TYR A 528 -22.81 -0.96 14.91
CA TYR A 528 -22.79 -2.37 14.53
C TYR A 528 -23.32 -2.56 13.12
N SER A 529 -24.44 -1.91 12.79
CA SER A 529 -25.03 -2.10 11.47
C SER A 529 -24.11 -1.59 10.38
N ALA A 530 -23.51 -0.42 10.57
CA ALA A 530 -22.61 0.12 9.55
C ALA A 530 -21.38 -0.77 9.39
N SER A 531 -20.80 -1.22 10.49
CA SER A 531 -19.64 -2.10 10.40
C SER A 531 -20.00 -3.41 9.72
N SER A 532 -21.18 -3.94 10.00
CA SER A 532 -21.63 -5.16 9.35
C SER A 532 -21.77 -4.97 7.85
N MET A 533 -22.32 -3.83 7.43
CA MET A 533 -22.42 -3.56 6.00
C MET A 533 -21.03 -3.44 5.37
N ALA A 534 -20.06 -2.93 6.12
CA ALA A 534 -18.70 -2.87 5.62
C ALA A 534 -18.12 -4.26 5.44
N LEU A 535 -18.32 -5.14 6.43
CA LEU A 535 -17.82 -6.50 6.32
C LEU A 535 -18.44 -7.23 5.13
N ALA A 536 -19.74 -7.04 4.91
CA ALA A 536 -20.39 -7.73 3.81
C ALA A 536 -19.75 -7.39 2.48
N ILE A 537 -19.49 -6.11 2.26
CA ILE A 537 -18.91 -5.68 0.98
C ILE A 537 -17.45 -6.11 0.88
N ALA A 538 -16.68 -5.92 1.94
CA ALA A 538 -15.24 -6.14 1.90
C ALA A 538 -14.84 -7.60 2.08
N ALA A 539 -15.75 -8.48 2.47
CA ALA A 539 -15.39 -9.86 2.72
C ALA A 539 -15.02 -10.56 1.42
N GLY A 540 -14.06 -11.47 1.52
CA GLY A 540 -13.62 -12.21 0.35
C GLY A 540 -12.93 -11.37 -0.70
N GLN A 541 -12.16 -10.37 -0.27
CA GLN A 541 -11.41 -9.53 -1.17
C GLN A 541 -10.01 -9.30 -0.62
N SER A 542 -9.06 -9.08 -1.53
CA SER A 542 -7.68 -8.83 -1.15
C SER A 542 -7.27 -7.37 -1.34
N VAL A 543 -8.07 -6.58 -2.04
CA VAL A 543 -7.78 -5.16 -2.28
C VAL A 543 -8.70 -4.34 -1.40
N VAL A 544 -8.14 -3.38 -0.69
CA VAL A 544 -8.91 -2.61 0.29
C VAL A 544 -9.42 -1.30 -0.29
N SER A 545 -8.77 -0.77 -1.32
CA SER A 545 -9.08 0.56 -1.83
C SER A 545 -10.52 0.64 -2.34
N VAL A 546 -10.90 -0.31 -3.21
CA VAL A 546 -12.20 -0.25 -3.86
C VAL A 546 -13.31 -0.32 -2.82
N ALA A 547 -13.17 -1.21 -1.84
CA ALA A 547 -14.20 -1.35 -0.83
C ALA A 547 -14.36 -0.07 -0.03
N THR A 548 -13.25 0.57 0.34
CA THR A 548 -13.33 1.82 1.08
C THR A 548 -14.06 2.89 0.28
N LEU A 549 -13.73 3.01 -1.00
CA LEU A 549 -14.42 3.98 -1.85
C LEU A 549 -15.92 3.71 -1.90
N LEU A 550 -16.30 2.44 -2.11
CA LEU A 550 -17.71 2.10 -2.18
C LEU A 550 -18.43 2.43 -0.88
N MET A 551 -17.79 2.11 0.25
CA MET A 551 -18.42 2.35 1.54
C MET A 551 -18.68 3.84 1.74
N THR A 552 -17.67 4.67 1.45
CA THR A 552 -17.85 6.11 1.64
C THR A 552 -18.98 6.65 0.77
N ILE A 553 -19.02 6.22 -0.49
CA ILE A 553 -20.06 6.72 -1.39
C ILE A 553 -21.44 6.32 -0.89
N CYS A 554 -21.60 5.05 -0.51
CA CYS A 554 -22.90 4.59 -0.02
C CYS A 554 -23.32 5.37 1.22
N PHE A 555 -22.36 5.66 2.11
CA PHE A 555 -22.71 6.36 3.34
C PHE A 555 -23.13 7.79 3.08
N VAL A 556 -22.50 8.49 2.13
CA VAL A 556 -22.97 9.85 1.86
C VAL A 556 -24.35 9.80 1.23
N PHE A 557 -24.60 8.85 0.34
CA PHE A 557 -25.94 8.74 -0.23
C PHE A 557 -26.98 8.46 0.84
N MET A 558 -26.65 7.63 1.82
CA MET A 558 -27.55 7.42 2.96
C MET A 558 -27.74 8.71 3.76
N MET A 559 -26.67 9.46 3.97
CA MET A 559 -26.74 10.64 4.81
C MET A 559 -27.63 11.71 4.20
N ILE A 560 -27.68 11.79 2.87
CA ILE A 560 -28.58 12.75 2.25
C ILE A 560 -30.02 12.47 2.68
N PHE A 561 -30.40 11.20 2.73
CA PHE A 561 -31.77 10.80 3.02
C PHE A 561 -32.07 10.76 4.51
N SER A 562 -31.20 11.31 5.33
CA SER A 562 -31.54 11.55 6.72
C SER A 562 -32.42 12.80 6.82
N GLY A 563 -33.05 12.96 7.98
CA GLY A 563 -34.08 13.97 8.10
C GLY A 563 -33.58 15.39 7.96
N LEU A 564 -32.33 15.64 8.35
CA LEU A 564 -31.90 17.01 8.58
C LEU A 564 -31.85 17.82 7.29
N LEU A 565 -31.29 17.24 6.23
CA LEU A 565 -30.92 18.03 5.06
C LEU A 565 -32.02 18.19 4.02
N VAL A 566 -33.07 17.37 4.07
CA VAL A 566 -33.99 17.29 2.93
C VAL A 566 -35.46 17.32 3.32
N ASN A 567 -35.86 17.14 4.57
CA ASN A 567 -37.28 17.17 4.91
C ASN A 567 -38.03 16.10 4.14
N LEU A 568 -37.80 14.84 4.49
CA LEU A 568 -38.23 13.68 3.72
C LEU A 568 -39.70 13.72 3.32
N THR A 569 -40.52 14.55 3.96
CA THR A 569 -41.91 14.65 3.55
C THR A 569 -42.07 15.38 2.22
N THR A 570 -41.03 16.07 1.76
CA THR A 570 -41.11 16.80 0.50
C THR A 570 -40.78 15.92 -0.68
N ILE A 571 -39.98 14.88 -0.47
CA ILE A 571 -39.44 14.10 -1.59
C ILE A 571 -40.58 13.45 -2.37
N ALA A 572 -40.35 13.27 -3.66
CA ALA A 572 -41.37 12.70 -4.54
C ALA A 572 -41.53 11.22 -4.28
N SER A 573 -42.67 10.68 -4.73
CA SER A 573 -43.00 9.29 -4.46
C SER A 573 -42.01 8.33 -5.08
N TRP A 574 -41.61 8.59 -6.33
CA TRP A 574 -40.82 7.59 -7.05
C TRP A 574 -39.39 7.52 -6.54
N LEU A 575 -39.00 8.43 -5.64
CA LEU A 575 -37.69 8.38 -5.01
C LEU A 575 -37.76 8.32 -3.50
N SER A 576 -38.96 8.39 -2.92
CA SER A 576 -39.08 8.40 -1.47
C SER A 576 -38.64 7.07 -0.86
N TRP A 577 -38.91 5.96 -1.56
CA TRP A 577 -38.68 4.64 -0.98
C TRP A 577 -37.21 4.38 -0.67
N LEU A 578 -36.30 5.18 -1.22
CA LEU A 578 -34.88 4.96 -0.93
C LEU A 578 -34.53 5.28 0.51
N GLN A 579 -35.44 5.92 1.25
CA GLN A 579 -35.13 6.31 2.62
C GLN A 579 -35.12 5.11 3.56
N TYR A 580 -35.82 4.03 3.17
CA TYR A 580 -35.87 2.84 4.00
C TYR A 580 -34.59 2.02 3.94
N PHE A 581 -33.65 2.40 3.09
CA PHE A 581 -32.36 1.73 2.96
C PHE A 581 -31.24 2.54 3.64
N SER A 582 -31.60 3.45 4.53
CA SER A 582 -30.66 4.36 5.16
C SER A 582 -30.45 3.96 6.61
N ILE A 583 -29.20 3.70 6.98
CA ILE A 583 -28.87 3.41 8.37
C ILE A 583 -28.98 4.67 9.22
N PRO A 584 -28.40 5.81 8.84
CA PRO A 584 -28.49 7.00 9.69
C PRO A 584 -29.90 7.48 9.96
N ARG A 585 -30.84 7.26 9.03
CA ARG A 585 -32.19 7.76 9.23
C ARG A 585 -32.81 7.17 10.48
N TYR A 586 -32.66 5.87 10.68
CA TYR A 586 -33.30 5.21 11.80
C TYR A 586 -32.72 5.70 13.13
N GLY A 587 -31.41 5.80 13.22
CA GLY A 587 -30.80 6.28 14.45
C GLY A 587 -31.16 7.72 14.74
N PHE A 588 -31.05 8.58 13.73
CA PHE A 588 -31.36 10.00 13.93
C PHE A 588 -32.82 10.18 14.32
N THR A 589 -33.73 9.44 13.68
CA THR A 589 -35.13 9.52 14.03
C THR A 589 -35.36 9.08 15.47
N ALA A 590 -34.69 8.01 15.90
CA ALA A 590 -34.86 7.54 17.26
C ALA A 590 -34.38 8.58 18.26
N LEU A 591 -33.22 9.17 18.01
CA LEU A 591 -32.70 10.17 18.92
C LEU A 591 -33.60 11.39 18.99
N GLN A 592 -34.09 11.86 17.84
CA GLN A 592 -35.03 12.97 17.84
C GLN A 592 -36.28 12.64 18.64
N HIS A 593 -36.81 11.44 18.45
CA HIS A 593 -38.01 11.04 19.18
C HIS A 593 -37.74 10.98 20.68
N ASN A 594 -36.52 10.64 21.05
CA ASN A 594 -36.18 10.52 22.46
C ASN A 594 -35.99 11.89 23.10
N GLU A 595 -35.52 12.88 22.35
CA GLU A 595 -35.14 14.17 22.90
C GLU A 595 -36.20 15.25 22.78
N PHE A 596 -36.85 15.39 21.64
CA PHE A 596 -37.76 16.49 21.38
C PHE A 596 -39.15 16.29 21.96
N LEU A 597 -39.41 15.14 22.59
CA LEU A 597 -40.75 14.81 23.05
C LEU A 597 -40.93 15.39 24.44
N GLY A 598 -41.55 16.56 24.51
CA GLY A 598 -41.85 17.20 25.78
C GLY A 598 -41.30 18.61 25.90
N GLN A 599 -40.41 19.00 25.01
CA GLN A 599 -39.77 20.29 25.11
C GLN A 599 -40.68 21.40 24.60
N ASN A 600 -40.42 22.62 25.07
CA ASN A 600 -41.13 23.81 24.62
C ASN A 600 -40.09 24.87 24.27
N PHE A 601 -40.09 25.33 23.02
CA PHE A 601 -39.06 26.22 22.51
C PHE A 601 -39.59 27.63 22.26
N CYS A 602 -40.58 28.06 23.03
CA CYS A 602 -41.16 29.40 22.89
C CYS A 602 -41.21 30.08 24.25
N PRO A 603 -40.17 30.82 24.63
CA PRO A 603 -40.17 31.49 25.94
C PRO A 603 -41.16 32.65 25.97
N GLY A 604 -42.03 32.63 26.97
CA GLY A 604 -42.99 33.71 27.13
C GLY A 604 -44.04 33.79 26.05
N LEU A 605 -44.49 32.64 25.54
CA LEU A 605 -45.60 32.63 24.61
C LEU A 605 -46.88 33.11 25.28
N ASN A 606 -47.14 32.61 26.49
CA ASN A 606 -48.30 32.96 27.31
C ASN A 606 -49.58 32.34 26.79
N ALA A 607 -49.55 31.80 25.57
CA ALA A 607 -50.64 31.01 25.00
C ALA A 607 -52.03 31.60 25.29
N THR A 608 -52.13 32.92 25.44
CA THR A 608 -53.43 33.52 25.75
C THR A 608 -54.29 33.63 24.49
N GLY A 609 -53.72 34.17 23.41
CA GLY A 609 -54.39 34.11 22.14
C GLY A 609 -54.33 32.73 21.50
N ASN A 610 -53.44 31.88 22.01
CA ASN A 610 -53.25 30.49 21.56
C ASN A 610 -52.69 30.40 20.14
N ASN A 611 -52.13 31.50 19.64
CA ASN A 611 -51.67 31.59 18.26
C ASN A 611 -50.16 31.82 18.17
N PRO A 612 -49.37 30.77 17.90
CA PRO A 612 -47.97 31.00 17.55
C PRO A 612 -47.78 31.37 16.08
N CYS A 613 -48.87 31.76 15.41
CA CYS A 613 -48.89 32.21 14.02
C CYS A 613 -48.83 31.06 13.03
N ASN A 614 -48.82 29.82 13.51
CA ASN A 614 -48.84 28.60 12.71
C ASN A 614 -47.56 28.42 11.91
N TYR A 615 -46.59 29.34 12.01
CA TYR A 615 -45.31 29.20 11.35
C TYR A 615 -44.16 29.19 12.35
N ALA A 616 -44.42 28.86 13.62
CA ALA A 616 -43.44 29.09 14.67
C ALA A 616 -42.58 27.87 14.94
N THR A 617 -43.18 26.68 14.97
CA THR A 617 -42.52 25.49 15.49
C THR A 617 -42.26 25.64 16.99
N CYS A 618 -43.33 25.97 17.73
CA CYS A 618 -43.19 26.34 19.13
C CYS A 618 -42.89 25.15 20.03
N THR A 619 -43.28 23.95 19.62
CA THR A 619 -43.17 22.77 20.47
C THR A 619 -42.43 21.65 19.74
N GLY A 620 -41.87 20.73 20.54
CA GLY A 620 -41.11 19.64 19.95
C GLY A 620 -41.97 18.69 19.14
N GLU A 621 -43.15 18.35 19.64
CA GLU A 621 -44.04 17.46 18.89
C GLU A 621 -44.38 18.05 17.53
N GLU A 622 -44.59 19.37 17.47
CA GLU A 622 -44.89 20.01 16.19
C GLU A 622 -43.73 19.84 15.22
N TYR A 623 -42.50 20.01 15.70
CA TYR A 623 -41.34 19.81 14.86
C TYR A 623 -41.27 18.37 14.36
N LEU A 624 -41.54 17.40 15.25
CA LEU A 624 -41.47 16.00 14.84
C LEU A 624 -42.50 15.69 13.76
N VAL A 625 -43.75 16.11 13.94
CA VAL A 625 -44.77 15.80 12.95
C VAL A 625 -44.45 16.47 11.62
N LYS A 626 -44.00 17.72 11.67
CA LYS A 626 -43.62 18.41 10.43
C LYS A 626 -42.46 17.71 9.75
N GLN A 627 -41.61 17.03 10.51
CA GLN A 627 -40.51 16.27 9.93
C GLN A 627 -40.95 14.90 9.42
N GLY A 628 -42.19 14.49 9.71
CA GLY A 628 -42.69 13.21 9.27
C GLY A 628 -42.57 12.09 10.28
N ILE A 629 -42.17 12.39 11.51
CA ILE A 629 -41.95 11.36 12.51
C ILE A 629 -43.27 11.05 13.23
N ASP A 630 -43.32 9.87 13.83
CA ASP A 630 -44.49 9.38 14.54
C ASP A 630 -44.26 9.53 16.04
N LEU A 631 -45.25 10.06 16.74
CA LEU A 631 -45.13 10.31 18.17
C LEU A 631 -45.49 9.11 19.02
N SER A 632 -45.92 8.02 18.42
CA SER A 632 -46.25 6.82 19.17
C SER A 632 -44.97 6.14 19.64
N PRO A 633 -45.04 5.38 20.73
CA PRO A 633 -43.85 4.66 21.19
C PRO A 633 -43.29 3.69 20.15
N TRP A 634 -44.17 3.08 19.35
CA TRP A 634 -43.71 2.19 18.30
C TRP A 634 -42.82 2.92 17.30
N GLY A 635 -42.98 4.24 17.19
CA GLY A 635 -42.16 5.00 16.26
C GLY A 635 -40.70 5.05 16.68
N LEU A 636 -40.44 4.78 17.96
CA LEU A 636 -39.07 4.78 18.44
C LEU A 636 -38.40 3.43 18.22
N TRP A 637 -39.17 2.35 18.33
CA TRP A 637 -38.62 1.00 18.29
C TRP A 637 -38.64 0.38 16.90
N LYS A 638 -39.48 0.88 15.99
CA LYS A 638 -39.48 0.37 14.63
C LYS A 638 -38.20 0.75 13.89
N ASN A 639 -37.34 1.54 14.51
CA ASN A 639 -36.04 1.87 13.96
C ASN A 639 -34.97 0.89 14.43
N HIS A 640 -35.02 0.52 15.70
CA HIS A 640 -34.09 -0.48 16.22
C HIS A 640 -34.37 -1.84 15.63
N VAL A 641 -35.65 -2.17 15.41
CA VAL A 641 -35.99 -3.41 14.72
C VAL A 641 -35.31 -3.47 13.37
N ALA A 642 -35.39 -2.37 12.61
CA ALA A 642 -34.80 -2.34 11.28
C ALA A 642 -33.29 -2.47 11.35
N LEU A 643 -32.66 -1.79 12.31
CA LEU A 643 -31.22 -1.87 12.43
C LEU A 643 -30.78 -3.30 12.74
N ALA A 644 -31.50 -3.97 13.63
CA ALA A 644 -31.17 -5.36 13.96
C ALA A 644 -31.30 -6.25 12.73
N CYS A 645 -32.38 -6.10 11.97
CA CYS A 645 -32.57 -6.91 10.78
C CYS A 645 -31.44 -6.67 9.77
N MET A 646 -31.04 -5.41 9.59
CA MET A 646 -29.93 -5.12 8.69
C MET A 646 -28.64 -5.77 9.17
N ILE A 647 -28.39 -5.74 10.47
CA ILE A 647 -27.21 -6.41 11.01
C ILE A 647 -27.21 -7.89 10.63
N VAL A 648 -28.34 -8.56 10.88
CA VAL A 648 -28.41 -9.99 10.60
C VAL A 648 -28.21 -10.26 9.12
N ILE A 649 -28.87 -9.49 8.27
CA ILE A 649 -28.79 -9.72 6.83
C ILE A 649 -27.34 -9.59 6.36
N PHE A 650 -26.67 -8.51 6.76
CA PHE A 650 -25.31 -8.27 6.27
C PHE A 650 -24.35 -9.33 6.77
N LEU A 651 -24.48 -9.72 8.04
CA LEU A 651 -23.56 -10.74 8.56
C LEU A 651 -23.76 -12.07 7.86
N THR A 652 -25.02 -12.44 7.60
CA THR A 652 -25.27 -13.67 6.86
C THR A 652 -24.65 -13.61 5.47
N ILE A 653 -24.78 -12.47 4.80
CA ILE A 653 -24.17 -12.31 3.48
C ILE A 653 -22.67 -12.50 3.56
N ALA A 654 -22.03 -11.90 4.55
CA ALA A 654 -20.58 -12.04 4.68
C ALA A 654 -20.18 -13.50 4.89
N TYR A 655 -20.93 -14.21 5.73
CA TYR A 655 -20.61 -15.62 5.95
C TYR A 655 -20.73 -16.41 4.65
N LEU A 656 -21.79 -16.17 3.88
CA LEU A 656 -21.97 -16.90 2.64
C LEU A 656 -20.89 -16.55 1.63
N LYS A 657 -20.32 -15.35 1.74
CA LYS A 657 -19.25 -14.96 0.82
C LYS A 657 -17.94 -15.62 1.20
N LEU A 658 -17.70 -15.80 2.50
CA LEU A 658 -16.50 -16.52 2.93
C LEU A 658 -16.63 -18.01 2.64
N LEU A 659 -17.84 -18.55 2.75
CA LEU A 659 -18.05 -19.98 2.58
C LEU A 659 -17.89 -20.40 1.12
N PHE A 660 -18.26 -19.53 0.18
CA PHE A 660 -18.16 -19.83 -1.24
C PHE A 660 -16.93 -19.21 -1.87
N LEU A 661 -16.01 -18.69 -1.07
CA LEU A 661 -14.74 -18.22 -1.59
C LEU A 661 -13.95 -19.38 -2.17
N LYS A 662 -13.13 -19.08 -3.16
CA LYS A 662 -12.31 -20.10 -3.81
C LYS A 662 -11.06 -20.36 -2.98
N LYS A 663 -10.99 -21.55 -2.40
CA LYS A 663 -9.88 -21.94 -1.52
C LYS A 663 -9.22 -23.18 -2.12
N TYR A 664 -8.26 -22.95 -3.00
CA TYR A 664 -7.60 -24.04 -3.70
C TYR A 664 -6.40 -23.52 -4.48
N GLY B 44 41.11 8.65 -20.86
CA GLY B 44 39.76 8.74 -20.35
C GLY B 44 39.69 9.45 -19.02
N ALA B 45 39.05 8.81 -18.05
CA ALA B 45 38.90 9.35 -16.70
C ALA B 45 39.46 8.37 -15.69
N VAL B 46 40.02 8.89 -14.61
CA VAL B 46 40.64 8.09 -13.56
C VAL B 46 40.13 8.64 -12.24
N LEU B 47 39.08 8.02 -11.70
CA LEU B 47 38.48 8.45 -10.45
C LEU B 47 39.24 7.79 -9.30
N SER B 48 40.11 8.56 -8.66
CA SER B 48 40.99 8.07 -7.61
C SER B 48 40.48 8.54 -6.26
N PHE B 49 40.05 7.61 -5.43
CA PHE B 49 39.64 7.92 -4.06
C PHE B 49 40.69 7.45 -3.08
N HIS B 50 40.93 8.26 -2.05
CA HIS B 50 42.03 8.06 -1.13
C HIS B 50 41.60 8.35 0.30
N ASN B 51 41.68 7.34 1.15
CA ASN B 51 41.51 7.49 2.59
C ASN B 51 40.14 8.03 2.94
N ILE B 52 39.12 7.42 2.36
CA ILE B 52 37.74 7.79 2.62
C ILE B 52 37.31 7.27 3.99
N CYS B 53 36.58 8.11 4.73
CA CYS B 53 35.92 7.70 5.97
C CYS B 53 34.64 8.50 6.05
N TYR B 54 33.50 7.82 6.10
CA TYR B 54 32.20 8.47 6.13
C TYR B 54 31.50 8.15 7.45
N ARG B 55 31.08 9.19 8.16
CA ARG B 55 30.43 9.06 9.46
C ARG B 55 28.99 9.55 9.33
N VAL B 56 28.04 8.63 9.45
CA VAL B 56 26.63 8.95 9.34
C VAL B 56 26.03 9.13 10.73
N VAL B 69 23.72 10.39 16.97
CA VAL B 69 23.98 9.27 16.08
C VAL B 69 25.21 9.55 15.24
N GLU B 70 26.32 8.89 15.57
CA GLU B 70 27.56 8.99 14.80
C GLU B 70 28.06 7.57 14.51
N LYS B 71 27.56 6.99 13.43
CA LYS B 71 28.00 5.69 12.97
C LYS B 71 28.89 5.84 11.74
N GLU B 72 29.84 4.92 11.59
CA GLU B 72 30.76 4.92 10.46
C GLU B 72 30.45 3.69 9.62
N ILE B 73 30.00 3.93 8.38
CA ILE B 73 29.67 2.85 7.47
C ILE B 73 30.77 2.60 6.45
N LEU B 74 31.71 3.52 6.31
CA LEU B 74 32.92 3.35 5.52
C LEU B 74 34.10 3.81 6.35
N SER B 75 35.09 2.93 6.54
CA SER B 75 36.13 3.19 7.52
C SER B 75 37.39 3.77 6.89
N ASN B 76 38.01 3.02 5.98
CA ASN B 76 39.25 3.46 5.32
C ASN B 76 39.31 2.74 3.98
N ILE B 77 38.93 3.46 2.93
CA ILE B 77 38.77 2.90 1.60
C ILE B 77 39.55 3.77 0.61
N ASN B 78 40.54 3.18 -0.02
CA ASN B 78 41.35 3.87 -1.02
C ASN B 78 41.48 3.00 -2.26
N GLY B 79 41.47 3.63 -3.43
CA GLY B 79 41.50 2.90 -4.68
C GLY B 79 41.55 3.83 -5.86
N ILE B 80 41.73 3.23 -7.03
CA ILE B 80 41.74 3.93 -8.31
C ILE B 80 40.87 3.14 -9.28
N MET B 81 39.99 3.86 -9.98
CA MET B 81 39.05 3.25 -10.93
C MET B 81 39.37 3.75 -12.32
N LYS B 82 40.25 3.02 -13.00
CA LYS B 82 40.67 3.36 -14.35
C LYS B 82 39.55 3.06 -15.33
N PRO B 83 39.67 3.55 -16.57
CA PRO B 83 38.63 3.28 -17.56
C PRO B 83 38.42 1.80 -17.79
N GLY B 84 37.18 1.43 -18.07
CA GLY B 84 36.81 0.06 -18.30
C GLY B 84 35.47 -0.23 -17.64
N LEU B 85 35.36 -1.45 -17.12
CA LEU B 85 34.15 -1.93 -16.48
C LEU B 85 34.48 -2.30 -15.03
N ASN B 86 34.42 -1.31 -14.15
CA ASN B 86 34.77 -1.51 -12.76
C ASN B 86 33.55 -1.93 -11.94
N ALA B 87 33.81 -2.57 -10.81
CA ALA B 87 32.76 -3.21 -10.01
C ALA B 87 32.95 -2.93 -8.54
N ILE B 88 31.85 -3.09 -7.80
CA ILE B 88 31.82 -2.96 -6.36
C ILE B 88 30.95 -4.09 -5.83
N LEU B 89 31.57 -5.06 -5.17
CA LEU B 89 30.88 -6.24 -4.67
C LEU B 89 30.93 -6.27 -3.15
N GLY B 90 30.08 -7.12 -2.59
CA GLY B 90 30.03 -7.33 -1.16
C GLY B 90 28.65 -7.70 -0.70
N PRO B 91 28.51 -7.99 0.59
CA PRO B 91 27.20 -8.33 1.14
C PRO B 91 26.27 -7.12 1.15
N THR B 92 25.00 -7.39 1.42
CA THR B 92 23.99 -6.34 1.39
C THR B 92 24.31 -5.23 2.39
N GLY B 93 24.70 -5.61 3.61
CA GLY B 93 25.01 -4.62 4.62
C GLY B 93 26.29 -3.85 4.38
N GLY B 94 27.14 -4.32 3.48
CA GLY B 94 28.35 -3.60 3.18
C GLY B 94 28.06 -2.29 2.49
N GLY B 95 28.99 -1.35 2.65
CA GLY B 95 28.82 -0.03 2.07
C GLY B 95 29.21 0.04 0.61
N LYS B 96 28.47 -0.63 -0.25
CA LYS B 96 28.72 -0.57 -1.69
C LYS B 96 27.90 0.52 -2.35
N SER B 97 26.59 0.57 -2.10
CA SER B 97 25.79 1.69 -2.58
C SER B 97 26.24 2.99 -1.94
N SER B 98 26.63 2.94 -0.67
CA SER B 98 27.11 4.14 0.00
C SER B 98 28.40 4.64 -0.64
N LEU B 99 29.33 3.75 -0.95
CA LEU B 99 30.55 4.15 -1.64
C LEU B 99 30.23 4.72 -3.01
N LEU B 100 29.30 4.09 -3.72
CA LEU B 100 28.92 4.58 -5.04
C LEU B 100 28.38 6.00 -4.96
N ASP B 101 27.49 6.26 -4.01
CA ASP B 101 26.96 7.61 -3.84
C ASP B 101 28.05 8.59 -3.44
N VAL B 102 28.98 8.16 -2.58
CA VAL B 102 30.08 9.03 -2.18
C VAL B 102 30.90 9.44 -3.37
N LEU B 103 31.18 8.50 -4.28
CA LEU B 103 31.98 8.84 -5.45
C LEU B 103 31.21 9.71 -6.43
N ALA B 104 29.89 9.56 -6.48
CA ALA B 104 29.05 10.33 -7.39
C ALA B 104 28.65 11.67 -6.83
N ALA B 105 28.95 11.96 -5.58
CA ALA B 105 28.60 13.19 -4.88
C ALA B 105 27.11 13.26 -4.58
N ARG B 106 26.41 12.13 -4.58
CA ARG B 106 25.01 12.08 -4.20
C ARG B 106 24.81 11.92 -2.70
N LYS B 107 25.86 12.13 -1.91
CA LYS B 107 25.79 12.03 -0.46
C LYS B 107 26.33 13.31 0.17
N ASP B 108 25.81 13.62 1.35
CA ASP B 108 26.14 14.89 1.99
C ASP B 108 27.63 14.95 2.31
N PRO B 109 28.29 16.09 2.09
CA PRO B 109 29.72 16.18 2.43
C PRO B 109 30.00 16.22 3.92
N SER B 110 28.98 16.15 4.77
CA SER B 110 29.20 16.29 6.21
C SER B 110 30.08 15.18 6.74
N GLY B 111 29.78 13.93 6.38
CA GLY B 111 30.51 12.79 6.91
C GLY B 111 31.78 12.47 6.16
N LEU B 112 31.88 12.92 4.91
CA LEU B 112 33.03 12.58 4.09
C LEU B 112 34.30 13.14 4.71
N SER B 113 35.34 12.32 4.78
CA SER B 113 36.61 12.69 5.41
C SER B 113 37.81 12.35 4.54
N GLY B 114 37.61 12.26 3.21
CA GLY B 114 38.69 11.89 2.32
C GLY B 114 38.66 12.68 1.04
N ASP B 115 39.66 12.43 0.21
CA ASP B 115 39.88 13.17 -1.03
C ASP B 115 39.46 12.33 -2.22
N VAL B 116 38.39 12.72 -2.87
CA VAL B 116 38.00 12.15 -4.16
C VAL B 116 38.58 13.06 -5.24
N LEU B 117 39.36 12.48 -6.14
CA LEU B 117 40.15 13.23 -7.10
C LEU B 117 40.01 12.54 -8.45
N ILE B 118 39.50 13.27 -9.44
CA ILE B 118 39.20 12.70 -10.76
C ILE B 118 40.21 13.23 -11.75
N ASN B 119 40.89 12.32 -12.43
CA ASN B 119 41.85 12.66 -13.48
C ASN B 119 42.91 13.63 -12.98
N GLY B 120 43.26 13.53 -11.70
CA GLY B 120 44.35 14.30 -11.13
C GLY B 120 43.96 15.64 -10.54
N ALA B 121 42.71 16.03 -10.63
CA ALA B 121 42.27 17.32 -10.10
C ALA B 121 41.03 17.14 -9.23
N PRO B 122 40.80 18.04 -8.28
CA PRO B 122 39.61 17.92 -7.43
C PRO B 122 38.34 17.93 -8.26
N ARG B 123 37.29 17.34 -7.69
CA ARG B 123 36.04 17.22 -8.40
C ARG B 123 35.48 18.61 -8.72
N PRO B 124 35.09 18.88 -9.96
CA PRO B 124 34.50 20.18 -10.28
C PRO B 124 33.10 20.31 -9.69
N ALA B 125 32.66 21.56 -9.57
CA ALA B 125 31.35 21.84 -8.99
C ALA B 125 30.22 21.25 -9.84
N ASN B 126 30.42 21.16 -11.16
CA ASN B 126 29.42 20.64 -12.07
C ASN B 126 29.55 19.15 -12.29
N PHE B 127 30.15 18.43 -11.34
CA PHE B 127 30.39 17.00 -11.55
C PHE B 127 29.08 16.23 -11.67
N LYS B 128 28.13 16.50 -10.79
CA LYS B 128 26.85 15.78 -10.86
C LYS B 128 26.20 15.95 -12.22
N CYS B 129 26.36 17.12 -12.83
CA CYS B 129 25.72 17.38 -14.11
C CYS B 129 26.46 16.70 -15.25
N ASN B 130 27.79 16.57 -15.13
CA ASN B 130 28.58 15.99 -16.20
C ASN B 130 28.71 14.47 -16.08
N SER B 131 28.23 13.88 -15.00
CA SER B 131 28.34 12.45 -14.77
C SER B 131 26.94 11.86 -14.57
N GLY B 132 26.70 10.71 -15.19
CA GLY B 132 25.41 10.08 -15.08
C GLY B 132 25.31 9.13 -13.90
N TYR B 133 24.08 8.92 -13.46
CA TYR B 133 23.78 8.00 -12.37
C TYR B 133 22.45 7.33 -12.65
N VAL B 134 22.42 6.01 -12.50
CA VAL B 134 21.27 5.19 -12.83
C VAL B 134 20.76 4.56 -11.55
N VAL B 135 19.47 4.73 -11.28
CA VAL B 135 18.90 4.27 -10.02
C VAL B 135 18.60 2.77 -10.10
N GLN B 136 18.55 2.14 -8.93
CA GLN B 136 18.25 0.72 -8.85
C GLN B 136 16.83 0.44 -9.36
N ASP B 137 15.86 1.18 -8.85
CA ASP B 137 14.48 1.09 -9.32
C ASP B 137 14.23 2.20 -10.33
N ASP B 138 13.89 1.82 -11.56
CA ASP B 138 13.76 2.79 -12.63
C ASP B 138 12.66 3.79 -12.32
N VAL B 139 12.91 5.05 -12.65
CA VAL B 139 11.98 6.14 -12.41
C VAL B 139 11.31 6.63 -13.68
N VAL B 140 11.52 5.93 -14.80
CA VAL B 140 10.95 6.37 -16.07
C VAL B 140 9.43 6.44 -15.96
N MET B 141 8.83 7.30 -16.76
CA MET B 141 7.40 7.50 -16.76
C MET B 141 6.73 6.46 -17.66
N GLY B 142 5.93 5.59 -17.06
CA GLY B 142 5.27 4.55 -17.84
C GLY B 142 4.30 5.11 -18.85
N THR B 143 3.57 6.17 -18.46
CA THR B 143 2.53 6.72 -19.31
C THR B 143 3.10 7.34 -20.58
N LEU B 144 4.39 7.61 -20.62
CA LEU B 144 5.01 8.26 -21.78
C LEU B 144 5.70 7.22 -22.65
N THR B 145 5.85 7.58 -23.92
CA THR B 145 6.59 6.76 -24.85
C THR B 145 8.09 6.95 -24.64
N VAL B 146 8.84 5.89 -24.94
CA VAL B 146 10.29 5.88 -24.78
C VAL B 146 10.90 7.16 -25.34
N ARG B 147 10.60 7.45 -26.61
CA ARG B 147 11.19 8.61 -27.25
C ARG B 147 10.79 9.89 -26.53
N GLU B 148 9.62 9.91 -25.91
CA GLU B 148 9.19 11.09 -25.17
C GLU B 148 10.07 11.32 -23.95
N ASN B 149 10.38 10.26 -23.20
CA ASN B 149 11.26 10.41 -22.04
C ASN B 149 12.64 10.86 -22.46
N LEU B 150 13.18 10.25 -23.52
CA LEU B 150 14.49 10.68 -24.01
C LEU B 150 14.45 12.14 -24.46
N GLN B 151 13.34 12.55 -25.07
CA GLN B 151 13.20 13.93 -25.51
C GLN B 151 13.17 14.88 -24.32
N PHE B 152 12.49 14.49 -23.25
CA PHE B 152 12.45 15.31 -22.04
C PHE B 152 13.84 15.49 -21.45
N SER B 153 14.58 14.38 -21.31
CA SER B 153 15.93 14.46 -20.77
C SER B 153 16.82 15.32 -21.64
N ALA B 154 16.72 15.17 -22.96
CA ALA B 154 17.52 15.98 -23.86
C ALA B 154 17.15 17.46 -23.74
N ALA B 155 15.86 17.74 -23.57
CA ALA B 155 15.41 19.13 -23.49
C ALA B 155 15.99 19.83 -22.26
N LEU B 156 15.98 19.15 -21.12
CA LEU B 156 16.38 19.81 -19.88
C LEU B 156 17.85 19.67 -19.54
N ARG B 157 18.53 18.62 -20.00
CA ARG B 157 19.95 18.46 -19.72
C ARG B 157 20.81 19.16 -20.76
N LEU B 158 20.58 18.88 -22.04
CA LEU B 158 21.36 19.50 -23.10
C LEU B 158 21.05 21.00 -23.16
N ALA B 159 21.99 21.74 -23.74
CA ALA B 159 21.85 23.17 -23.85
C ALA B 159 20.71 23.54 -24.81
N THR B 160 20.04 24.64 -24.50
CA THR B 160 18.99 25.14 -25.39
C THR B 160 19.58 25.71 -26.67
N THR B 161 20.87 26.01 -26.69
CA THR B 161 21.49 26.53 -27.92
C THR B 161 21.39 25.51 -29.04
N MET B 162 21.49 24.22 -28.71
CA MET B 162 21.31 23.17 -29.71
C MET B 162 19.91 23.27 -30.32
N THR B 163 19.84 23.09 -31.63
CA THR B 163 18.57 23.08 -32.32
C THR B 163 17.88 21.72 -32.15
N ASN B 164 16.57 21.72 -32.37
CA ASN B 164 15.80 20.50 -32.19
C ASN B 164 16.24 19.40 -33.15
N HIS B 165 16.71 19.76 -34.35
CA HIS B 165 17.18 18.76 -35.28
C HIS B 165 18.40 18.02 -34.72
N GLU B 166 19.34 18.76 -34.15
CA GLU B 166 20.52 18.13 -33.57
C GLU B 166 20.14 17.21 -32.41
N LYS B 167 19.23 17.67 -31.55
CA LYS B 167 18.79 16.86 -30.43
C LYS B 167 18.09 15.60 -30.90
N ASN B 168 17.29 15.70 -31.96
CA ASN B 168 16.65 14.52 -32.53
C ASN B 168 17.68 13.53 -33.05
N GLU B 169 18.73 14.04 -33.70
CA GLU B 169 19.81 13.17 -34.16
C GLU B 169 20.49 12.48 -33.00
N ARG B 170 20.75 13.22 -31.92
CA ARG B 170 21.38 12.63 -30.74
C ARG B 170 20.51 11.52 -30.17
N ILE B 171 19.21 11.76 -30.07
CA ILE B 171 18.29 10.75 -29.54
C ILE B 171 18.30 9.53 -30.44
N ASN B 172 18.32 9.73 -31.75
CA ASN B 172 18.36 8.60 -32.68
C ASN B 172 19.63 7.78 -32.47
N ARG B 173 20.77 8.45 -32.31
CA ARG B 173 22.02 7.74 -32.05
C ARG B 173 21.91 6.88 -30.79
N VAL B 174 21.40 7.47 -29.71
CA VAL B 174 21.31 6.74 -28.45
C VAL B 174 20.39 5.54 -28.59
N ILE B 175 19.24 5.73 -29.22
CA ILE B 175 18.29 4.63 -29.39
C ILE B 175 18.91 3.51 -30.20
N GLN B 176 19.64 3.86 -31.26
CA GLN B 176 20.31 2.84 -32.07
C GLN B 176 21.35 2.10 -31.24
N GLU B 177 22.13 2.82 -30.43
CA GLU B 177 23.16 2.18 -29.64
C GLU B 177 22.56 1.18 -28.64
N LEU B 178 21.48 1.55 -27.96
CA LEU B 178 20.91 0.66 -26.96
C LEU B 178 20.15 -0.49 -27.59
N GLY B 179 19.78 -0.38 -28.86
CA GLY B 179 18.99 -1.42 -29.50
C GLY B 179 17.51 -1.34 -29.22
N LEU B 180 16.99 -0.15 -28.90
CA LEU B 180 15.58 0.04 -28.61
C LEU B 180 14.80 0.55 -29.81
N ASP B 181 15.42 0.56 -31.00
CA ASP B 181 14.77 1.15 -32.17
C ASP B 181 13.39 0.58 -32.41
N LYS B 182 13.22 -0.72 -32.18
CA LYS B 182 11.92 -1.35 -32.43
C LYS B 182 10.84 -0.78 -31.52
N VAL B 183 11.16 -0.56 -30.24
CA VAL B 183 10.18 -0.14 -29.26
C VAL B 183 10.26 1.36 -28.97
N ALA B 184 10.83 2.14 -29.89
CA ALA B 184 10.97 3.57 -29.65
C ALA B 184 9.62 4.24 -29.45
N ASP B 185 8.61 3.82 -30.20
CA ASP B 185 7.30 4.46 -30.20
C ASP B 185 6.28 3.69 -29.37
N SER B 186 6.73 2.92 -28.38
CA SER B 186 5.84 2.15 -27.52
C SER B 186 5.88 2.69 -26.10
N LYS B 187 4.74 2.68 -25.44
CA LYS B 187 4.66 3.15 -24.06
C LYS B 187 5.49 2.24 -23.16
N VAL B 188 6.21 2.87 -22.22
CA VAL B 188 7.15 2.13 -21.39
C VAL B 188 6.42 1.18 -20.45
N GLY B 189 5.36 1.65 -19.81
CA GLY B 189 4.63 0.82 -18.88
C GLY B 189 5.11 0.98 -17.45
N THR B 190 4.25 0.66 -16.50
CA THR B 190 4.58 0.87 -15.10
C THR B 190 5.37 -0.30 -14.52
N GLN B 191 5.53 -1.37 -15.31
CA GLN B 191 6.18 -2.60 -14.86
C GLN B 191 5.22 -3.40 -13.97
N PHE B 192 4.11 -2.79 -13.58
CA PHE B 192 2.96 -3.56 -13.11
C PHE B 192 1.84 -3.50 -14.15
N ILE B 193 1.82 -2.44 -14.95
CA ILE B 193 0.95 -2.33 -16.10
C ILE B 193 1.75 -2.72 -17.34
N ARG B 194 1.05 -3.16 -18.38
CA ARG B 194 1.70 -3.71 -19.54
C ARG B 194 2.51 -2.65 -20.28
N GLY B 195 3.55 -3.12 -20.97
CA GLY B 195 4.43 -2.23 -21.71
C GLY B 195 5.68 -2.98 -22.14
N VAL B 196 6.73 -2.22 -22.45
CA VAL B 196 7.99 -2.85 -22.83
C VAL B 196 8.50 -3.70 -21.67
N SER B 197 9.41 -4.61 -21.99
CA SER B 197 9.94 -5.53 -21.00
C SER B 197 10.84 -4.80 -20.01
N GLY B 198 11.07 -5.43 -18.86
CA GLY B 198 11.87 -4.82 -17.82
C GLY B 198 13.26 -4.44 -18.31
N GLY B 199 13.90 -5.32 -19.08
CA GLY B 199 15.20 -5.00 -19.62
C GLY B 199 15.19 -3.76 -20.48
N GLU B 200 14.12 -3.58 -21.26
CA GLU B 200 14.01 -2.39 -22.10
C GLU B 200 13.80 -1.14 -21.26
N ARG B 201 13.07 -1.25 -20.15
CA ARG B 201 12.96 -0.11 -19.23
C ARG B 201 14.32 0.27 -18.68
N LYS B 202 15.11 -0.72 -18.27
CA LYS B 202 16.45 -0.43 -17.78
C LYS B 202 17.30 0.23 -18.85
N ARG B 203 17.26 -0.31 -20.08
CA ARG B 203 17.98 0.32 -21.17
C ARG B 203 17.52 1.76 -21.38
N THR B 204 16.23 2.01 -21.19
CA THR B 204 15.72 3.37 -21.35
C THR B 204 16.33 4.31 -20.34
N SER B 205 16.40 3.88 -19.08
CA SER B 205 17.04 4.71 -18.05
C SER B 205 18.49 4.99 -18.42
N ILE B 206 19.22 3.96 -18.84
CA ILE B 206 20.60 4.14 -19.23
C ILE B 206 20.71 5.17 -20.35
N GLY B 207 19.79 5.13 -21.31
CA GLY B 207 19.80 6.11 -22.38
C GLY B 207 19.53 7.52 -21.90
N MET B 208 18.56 7.67 -21.00
CA MET B 208 18.28 8.98 -20.44
C MET B 208 19.53 9.59 -19.84
N GLU B 209 20.36 8.76 -19.19
CA GLU B 209 21.60 9.28 -18.64
C GLU B 209 22.68 9.45 -19.70
N LEU B 210 22.63 8.66 -20.78
CA LEU B 210 23.64 8.70 -21.82
C LEU B 210 23.44 9.82 -22.82
N ILE B 211 22.33 10.56 -22.73
CA ILE B 211 22.07 11.61 -23.70
C ILE B 211 23.23 12.59 -23.77
N THR B 212 23.75 12.99 -22.62
CA THR B 212 24.70 14.09 -22.54
C THR B 212 26.16 13.66 -22.70
N ASP B 213 26.41 12.44 -23.17
CA ASP B 213 27.76 11.98 -23.44
C ASP B 213 28.60 11.99 -22.16
N PRO B 214 28.19 11.27 -21.12
CA PRO B 214 28.95 11.30 -19.86
C PRO B 214 30.27 10.57 -20.00
N SER B 215 31.32 11.15 -19.43
CA SER B 215 32.60 10.47 -19.36
C SER B 215 32.59 9.38 -18.30
N ILE B 216 31.98 9.66 -17.16
CA ILE B 216 31.89 8.72 -16.04
C ILE B 216 30.41 8.39 -15.83
N LEU B 217 30.12 7.11 -15.66
CA LEU B 217 28.74 6.62 -15.60
C LEU B 217 28.61 5.68 -14.42
N PHE B 218 27.66 5.96 -13.54
CA PHE B 218 27.43 5.15 -12.36
C PHE B 218 26.13 4.38 -12.49
N LEU B 219 26.10 3.20 -11.89
CA LEU B 219 24.96 2.29 -12.01
C LEU B 219 24.78 1.57 -10.67
N ASP B 220 23.61 1.72 -10.07
CA ASP B 220 23.31 1.05 -8.81
C ASP B 220 22.49 -0.20 -9.10
N GLU B 221 23.09 -1.37 -8.86
CA GLU B 221 22.41 -2.65 -9.07
C GLU B 221 21.78 -2.69 -10.46
N PRO B 222 22.59 -2.65 -11.52
CA PRO B 222 22.00 -2.66 -12.86
C PRO B 222 21.19 -3.91 -13.15
N THR B 223 21.48 -5.02 -12.49
CA THR B 223 20.81 -6.30 -12.71
C THR B 223 20.29 -6.82 -11.38
N THR B 224 19.08 -6.38 -11.03
CA THR B 224 18.38 -6.87 -9.85
C THR B 224 16.89 -6.89 -10.18
N GLY B 225 16.32 -8.10 -10.17
CA GLY B 225 14.97 -8.30 -10.66
C GLY B 225 14.89 -8.69 -12.12
N LEU B 226 15.96 -8.51 -12.88
CA LEU B 226 16.00 -8.95 -14.26
C LEU B 226 16.24 -10.45 -14.34
N ASP B 227 15.81 -11.03 -15.45
CA ASP B 227 16.08 -12.44 -15.69
C ASP B 227 17.55 -12.64 -16.08
N SER B 228 18.01 -13.87 -15.90
CA SER B 228 19.42 -14.17 -16.13
C SER B 228 19.83 -13.81 -17.56
N SER B 229 19.02 -14.21 -18.54
CA SER B 229 19.31 -13.85 -19.92
C SER B 229 19.31 -12.34 -20.11
N THR B 230 18.30 -11.67 -19.54
CA THR B 230 18.23 -10.22 -19.64
C THR B 230 19.43 -9.57 -18.97
N ALA B 231 19.83 -10.08 -17.80
CA ALA B 231 20.98 -9.53 -17.11
C ALA B 231 22.24 -9.67 -17.94
N ASN B 232 22.45 -10.84 -18.54
CA ASN B 232 23.62 -11.02 -19.41
C ASN B 232 23.59 -10.05 -20.58
N ALA B 233 22.40 -9.84 -21.15
CA ALA B 233 22.28 -8.89 -22.25
C ALA B 233 22.67 -7.48 -21.81
N VAL B 234 22.17 -7.06 -20.64
CA VAL B 234 22.46 -5.71 -20.15
C VAL B 234 23.96 -5.55 -19.94
N LEU B 235 24.60 -6.53 -19.33
CA LEU B 235 26.02 -6.40 -19.02
C LEU B 235 26.88 -6.48 -20.27
N LEU B 236 26.47 -7.27 -21.27
CA LEU B 236 27.17 -7.24 -22.54
C LEU B 236 27.06 -5.86 -23.19
N LEU B 237 25.89 -5.23 -23.08
CA LEU B 237 25.74 -3.87 -23.58
C LEU B 237 26.69 -2.92 -22.86
N LEU B 238 26.81 -3.05 -21.55
CA LEU B 238 27.71 -2.19 -20.79
C LEU B 238 29.15 -2.43 -21.21
N LYS B 239 29.52 -3.67 -21.48
CA LYS B 239 30.88 -3.94 -21.95
C LYS B 239 31.13 -3.28 -23.30
N ARG B 240 30.14 -3.31 -24.20
CA ARG B 240 30.29 -2.61 -25.47
C ARG B 240 30.46 -1.12 -25.26
N MET B 241 29.70 -0.53 -24.32
CA MET B 241 29.88 0.88 -24.02
C MET B 241 31.28 1.16 -23.49
N SER B 242 31.78 0.29 -22.61
CA SER B 242 33.08 0.50 -21.99
C SER B 242 34.24 0.39 -22.97
N LYS B 243 34.10 -0.46 -24.00
CA LYS B 243 35.17 -0.57 -24.99
C LYS B 243 35.41 0.74 -25.71
N GLN B 244 34.46 1.68 -25.65
CA GLN B 244 34.62 2.98 -26.28
C GLN B 244 35.46 3.95 -25.46
N GLY B 245 35.82 3.59 -24.23
CA GLY B 245 36.58 4.47 -23.36
C GLY B 245 35.79 5.13 -22.26
N ARG B 246 34.51 4.79 -22.12
CA ARG B 246 33.69 5.37 -21.05
C ARG B 246 33.87 4.55 -19.77
N THR B 247 34.24 5.23 -18.69
CA THR B 247 34.51 4.57 -17.41
C THR B 247 33.18 4.27 -16.73
N ILE B 248 32.88 2.99 -16.56
CA ILE B 248 31.64 2.54 -15.96
C ILE B 248 31.94 1.99 -14.57
N ILE B 249 31.15 2.44 -13.59
CA ILE B 249 31.31 2.05 -12.20
C ILE B 249 29.94 1.60 -11.71
N PHE B 250 29.86 0.41 -11.14
CA PHE B 250 28.58 -0.15 -10.77
C PHE B 250 28.71 -1.12 -9.62
N SER B 251 27.61 -1.32 -8.91
CA SER B 251 27.49 -2.28 -7.84
C SER B 251 26.47 -3.34 -8.22
N ILE B 252 26.74 -4.58 -7.84
CA ILE B 252 25.92 -5.72 -8.21
C ILE B 252 25.74 -6.63 -6.99
N HIS B 253 24.85 -7.60 -7.14
CA HIS B 253 24.55 -8.58 -6.12
C HIS B 253 24.48 -9.94 -6.76
N GLN B 254 25.10 -10.94 -6.13
CA GLN B 254 25.09 -12.32 -6.59
C GLN B 254 25.30 -12.43 -8.10
N PRO B 255 26.47 -12.05 -8.60
CA PRO B 255 26.77 -12.22 -10.02
C PRO B 255 27.05 -13.67 -10.37
N ARG B 256 27.02 -13.94 -11.67
CA ARG B 256 27.38 -15.23 -12.23
C ARG B 256 28.78 -15.15 -12.84
N TYR B 257 29.40 -16.32 -12.99
CA TYR B 257 30.75 -16.35 -13.54
C TYR B 257 30.79 -15.81 -14.96
N SER B 258 29.72 -16.01 -15.72
CA SER B 258 29.65 -15.42 -17.05
C SER B 258 29.72 -13.91 -16.99
N ILE B 259 28.98 -13.32 -16.04
CA ILE B 259 29.07 -11.89 -15.79
C ILE B 259 30.45 -11.53 -15.26
N PHE B 260 30.93 -12.29 -14.27
CA PHE B 260 32.18 -11.93 -13.59
C PHE B 260 33.36 -11.96 -14.53
N LYS B 261 33.28 -12.74 -15.61
CA LYS B 261 34.43 -12.86 -16.51
C LYS B 261 34.66 -11.57 -17.29
N LEU B 262 33.70 -10.64 -17.26
CA LEU B 262 33.77 -9.44 -18.06
C LEU B 262 34.37 -8.26 -17.32
N PHE B 263 34.59 -8.38 -16.01
CA PHE B 263 35.05 -7.24 -15.22
C PHE B 263 36.50 -6.90 -15.53
N ASP B 264 36.84 -5.64 -15.24
CA ASP B 264 38.20 -5.12 -15.38
C ASP B 264 38.83 -4.77 -14.05
N SER B 265 38.02 -4.39 -13.07
CA SER B 265 38.49 -4.10 -11.72
C SER B 265 37.46 -4.60 -10.73
N LEU B 266 37.93 -4.93 -9.52
CA LEU B 266 37.07 -5.46 -8.48
C LEU B 266 37.33 -4.72 -7.18
N THR B 267 36.27 -4.40 -6.46
CA THR B 267 36.33 -3.68 -5.18
C THR B 267 35.40 -4.42 -4.22
N LEU B 268 35.98 -5.23 -3.34
CA LEU B 268 35.18 -6.03 -2.43
C LEU B 268 35.06 -5.34 -1.08
N LEU B 269 33.84 -5.20 -0.61
CA LEU B 269 33.54 -4.48 0.63
C LEU B 269 32.77 -5.38 1.58
N ALA B 270 33.05 -5.22 2.87
CA ALA B 270 32.37 -5.99 3.90
C ALA B 270 32.37 -5.18 5.18
N SER B 271 31.18 -4.90 5.71
CA SER B 271 31.03 -4.14 6.95
C SER B 271 31.83 -2.84 6.92
N GLY B 272 31.77 -2.14 5.79
CA GLY B 272 32.45 -0.86 5.69
C GLY B 272 33.96 -0.96 5.74
N ARG B 273 34.53 -2.01 5.17
CA ARG B 273 35.98 -2.15 5.11
C ARG B 273 36.36 -2.75 3.77
N LEU B 274 37.60 -2.49 3.36
CA LEU B 274 38.08 -2.89 2.04
C LEU B 274 38.79 -4.24 2.15
N MET B 275 38.13 -5.29 1.67
CA MET B 275 38.75 -6.61 1.66
C MET B 275 39.73 -6.75 0.51
N PHE B 276 39.42 -6.13 -0.64
CA PHE B 276 40.25 -6.29 -1.83
C PHE B 276 39.96 -5.18 -2.82
N HIS B 277 41.01 -4.71 -3.47
CA HIS B 277 40.88 -3.85 -4.65
C HIS B 277 42.00 -4.19 -5.61
N GLY B 278 41.63 -4.57 -6.83
CA GLY B 278 42.58 -4.87 -7.86
C GLY B 278 41.89 -5.48 -9.07
N PRO B 279 42.67 -5.99 -10.01
CA PRO B 279 42.07 -6.69 -11.14
C PRO B 279 41.25 -7.88 -10.68
N ALA B 280 40.10 -8.08 -11.33
CA ALA B 280 39.22 -9.17 -10.94
C ALA B 280 39.83 -10.52 -11.27
N GLN B 281 40.66 -10.59 -12.31
CA GLN B 281 41.28 -11.85 -12.68
C GLN B 281 42.19 -12.38 -11.57
N GLU B 282 42.94 -11.47 -10.93
CA GLU B 282 43.93 -11.87 -9.93
C GLU B 282 43.33 -12.08 -8.55
N ALA B 283 42.06 -11.76 -8.34
CA ALA B 283 41.46 -11.85 -7.02
C ALA B 283 41.49 -13.27 -6.50
N LEU B 284 41.14 -14.22 -7.37
CA LEU B 284 41.10 -15.62 -6.95
C LEU B 284 42.48 -16.10 -6.55
N GLY B 285 43.50 -15.75 -7.34
CA GLY B 285 44.86 -16.10 -6.97
C GLY B 285 45.27 -15.51 -5.64
N TYR B 286 44.87 -14.26 -5.38
CA TYR B 286 45.18 -13.63 -4.11
C TYR B 286 44.58 -14.42 -2.96
N PHE B 287 43.28 -14.70 -3.02
CA PHE B 287 42.62 -15.41 -1.93
C PHE B 287 43.21 -16.81 -1.75
N GLU B 288 43.47 -17.51 -2.86
CA GLU B 288 44.09 -18.83 -2.76
C GLU B 288 45.45 -18.75 -2.09
N SER B 289 46.25 -17.74 -2.44
CA SER B 289 47.53 -17.57 -1.77
C SER B 289 47.34 -17.30 -0.28
N ALA B 290 46.24 -16.63 0.08
CA ALA B 290 45.97 -16.38 1.50
C ALA B 290 45.65 -17.66 2.25
N GLY B 291 45.41 -18.77 1.54
CA GLY B 291 45.07 -20.03 2.16
C GLY B 291 43.65 -20.50 1.91
N TYR B 292 42.75 -19.61 1.52
CA TYR B 292 41.36 -19.96 1.26
C TYR B 292 41.26 -20.59 -0.12
N HIS B 293 41.54 -21.88 -0.20
CA HIS B 293 41.41 -22.59 -1.46
C HIS B 293 39.93 -22.69 -1.86
N CYS B 294 39.71 -22.83 -3.17
CA CYS B 294 38.37 -22.84 -3.74
C CYS B 294 38.12 -24.18 -4.43
N GLU B 295 36.87 -24.63 -4.37
CA GLU B 295 36.47 -25.85 -5.03
C GLU B 295 36.03 -25.56 -6.46
N ALA B 296 35.95 -26.61 -7.26
CA ALA B 296 35.52 -26.47 -8.64
C ALA B 296 34.00 -26.34 -8.72
N TYR B 297 33.52 -25.92 -9.89
CA TYR B 297 32.09 -25.74 -10.13
C TYR B 297 31.47 -24.79 -9.11
N ASN B 298 32.27 -23.86 -8.60
CA ASN B 298 31.83 -22.86 -7.65
C ASN B 298 32.16 -21.48 -8.20
N ASN B 299 31.15 -20.62 -8.27
CA ASN B 299 31.35 -19.29 -8.84
C ASN B 299 32.29 -18.50 -7.93
N PRO B 300 33.38 -17.94 -8.47
CA PRO B 300 34.34 -17.26 -7.59
C PRO B 300 33.73 -16.12 -6.78
N ALA B 301 32.72 -15.45 -7.32
CA ALA B 301 32.05 -14.39 -6.55
C ALA B 301 31.42 -14.98 -5.29
N ASP B 302 30.74 -16.12 -5.44
CA ASP B 302 30.15 -16.78 -4.28
C ASP B 302 31.23 -17.22 -3.30
N PHE B 303 32.38 -17.67 -3.80
CA PHE B 303 33.48 -18.04 -2.92
C PHE B 303 33.99 -16.84 -2.13
N PHE B 304 34.11 -15.68 -2.79
CA PHE B 304 34.57 -14.48 -2.11
C PHE B 304 33.60 -14.09 -1.00
N LEU B 305 32.30 -14.12 -1.29
CA LEU B 305 31.31 -13.81 -0.27
C LEU B 305 31.33 -14.85 0.84
N ASP B 306 31.54 -16.11 0.49
CA ASP B 306 31.57 -17.17 1.50
C ASP B 306 32.71 -16.97 2.47
N ILE B 307 33.87 -16.55 1.98
CA ILE B 307 35.01 -16.28 2.86
C ILE B 307 34.61 -15.30 3.95
N ILE B 308 33.92 -14.22 3.55
CA ILE B 308 33.48 -13.23 4.53
C ILE B 308 32.45 -13.82 5.47
N ASN B 309 31.48 -14.55 4.92
CA ASN B 309 30.42 -15.12 5.76
C ASN B 309 30.98 -16.09 6.78
N GLY B 310 32.17 -16.63 6.54
CA GLY B 310 32.76 -17.61 7.43
C GLY B 310 32.39 -19.04 7.14
N ASP B 311 31.64 -19.29 6.08
CA ASP B 311 31.22 -20.65 5.74
C ASP B 311 32.13 -21.25 4.67
N LEU B 338 37.68 -11.81 12.23
CA LEU B 338 37.83 -12.35 10.88
C LEU B 338 37.99 -11.23 9.87
N ILE B 339 37.00 -10.34 9.83
CA ILE B 339 36.99 -9.27 8.82
C ILE B 339 38.21 -8.39 8.97
N GLU B 340 38.55 -8.00 10.21
CA GLU B 340 39.74 -7.20 10.42
C GLU B 340 40.99 -7.96 10.01
N LYS B 341 41.00 -9.27 10.22
CA LYS B 341 42.13 -10.09 9.79
C LYS B 341 42.31 -10.01 8.29
N LEU B 342 41.21 -10.14 7.53
CA LEU B 342 41.27 -10.05 6.08
C LEU B 342 41.73 -8.66 5.64
N ALA B 343 41.24 -7.62 6.31
CA ALA B 343 41.65 -6.26 5.95
C ALA B 343 43.16 -6.08 6.16
N GLU B 344 43.69 -6.59 7.27
CA GLU B 344 45.12 -6.49 7.49
C GLU B 344 45.89 -7.27 6.45
N ILE B 345 45.38 -8.45 6.07
CA ILE B 345 46.02 -9.24 5.02
C ILE B 345 46.11 -8.42 3.75
N TYR B 346 45.03 -7.74 3.38
CA TYR B 346 45.06 -6.89 2.19
C TYR B 346 46.07 -5.75 2.36
N VAL B 347 46.12 -5.15 3.55
CA VAL B 347 47.05 -4.05 3.79
C VAL B 347 48.48 -4.52 3.59
N ASN B 348 48.75 -5.80 3.83
CA ASN B 348 50.07 -6.37 3.62
C ASN B 348 50.23 -6.95 2.21
N SER B 349 49.29 -6.69 1.33
CA SER B 349 49.31 -7.24 -0.02
C SER B 349 50.22 -6.42 -0.92
N SER B 350 50.47 -6.94 -2.12
CA SER B 350 51.20 -6.19 -3.14
C SER B 350 50.30 -5.25 -3.92
N PHE B 351 48.98 -5.44 -3.84
CA PHE B 351 48.05 -4.57 -4.52
C PHE B 351 47.72 -3.32 -3.72
N TYR B 352 48.18 -3.22 -2.47
CA TYR B 352 47.95 -2.07 -1.64
C TYR B 352 49.09 -1.07 -1.70
N LYS B 353 50.34 -1.56 -1.60
CA LYS B 353 51.48 -0.67 -1.71
C LYS B 353 51.56 -0.02 -3.09
N GLU B 354 51.25 -0.79 -4.13
CA GLU B 354 51.25 -0.23 -5.48
C GLU B 354 50.19 0.86 -5.62
N THR B 355 48.98 0.59 -5.10
CA THR B 355 47.92 1.58 -5.15
C THR B 355 48.31 2.83 -4.36
N LYS B 356 48.93 2.65 -3.20
CA LYS B 356 49.41 3.79 -2.43
C LYS B 356 50.41 4.61 -3.24
N ALA B 357 51.34 3.95 -3.91
CA ALA B 357 52.34 4.66 -4.70
C ALA B 357 51.66 5.48 -5.80
N GLU B 358 50.70 4.86 -6.51
CA GLU B 358 50.02 5.56 -7.58
C GLU B 358 49.24 6.76 -7.06
N LEU B 359 48.55 6.59 -5.94
CA LEU B 359 47.77 7.69 -5.37
C LEU B 359 48.66 8.82 -4.91
N HIS B 360 49.78 8.50 -4.25
CA HIS B 360 50.72 9.53 -3.85
C HIS B 360 51.29 10.26 -5.06
N GLN B 361 51.51 9.53 -6.15
CA GLN B 361 52.00 10.16 -7.37
C GLN B 361 50.99 11.13 -7.93
N LEU B 362 49.71 10.75 -7.97
CA LEU B 362 48.68 11.63 -8.51
C LEU B 362 48.44 12.84 -7.61
N SER B 363 48.40 12.63 -6.29
CA SER B 363 48.08 13.72 -5.38
C SER B 363 49.23 14.72 -5.27
N GLY B 364 50.39 14.25 -4.82
CA GLY B 364 51.54 15.11 -4.65
C GLY B 364 52.24 15.42 -5.96
N TYR B 379 22.52 26.87 -14.12
CA TYR B 379 21.44 26.14 -14.76
C TYR B 379 21.46 26.37 -16.28
N THR B 380 21.40 25.28 -17.03
CA THR B 380 21.47 25.38 -18.50
C THR B 380 20.24 26.09 -19.05
N THR B 381 19.06 25.72 -18.58
CA THR B 381 17.80 26.16 -19.18
C THR B 381 17.16 27.27 -18.37
N SER B 382 16.31 28.03 -19.04
CA SER B 382 15.57 29.12 -18.41
C SER B 382 14.37 28.58 -17.63
N PHE B 383 13.78 29.45 -16.83
CA PHE B 383 12.66 29.06 -15.98
C PHE B 383 11.45 28.63 -16.80
N CYS B 384 11.11 29.38 -17.84
CA CYS B 384 9.96 29.06 -18.67
C CYS B 384 10.11 27.73 -19.38
N HIS B 385 11.31 27.40 -19.87
CA HIS B 385 11.53 26.12 -20.52
C HIS B 385 11.26 24.97 -19.56
N GLN B 386 11.81 25.06 -18.35
CA GLN B 386 11.59 24.02 -17.35
C GLN B 386 10.11 23.88 -17.02
N LEU B 387 9.43 25.02 -16.86
CA LEU B 387 8.02 25.00 -16.50
C LEU B 387 7.20 24.35 -17.60
N ARG B 388 7.44 24.76 -18.85
CA ARG B 388 6.70 24.20 -19.96
C ARG B 388 6.86 22.69 -20.02
N TRP B 389 8.10 22.20 -19.92
CA TRP B 389 8.34 20.79 -20.14
C TRP B 389 7.81 19.94 -18.99
N VAL B 390 7.97 20.41 -17.75
CA VAL B 390 7.45 19.64 -16.63
C VAL B 390 5.93 19.60 -16.68
N SER B 391 5.30 20.71 -17.06
CA SER B 391 3.85 20.72 -17.18
C SER B 391 3.39 19.79 -18.29
N LYS B 392 4.09 19.78 -19.42
CA LYS B 392 3.73 18.89 -20.51
C LYS B 392 3.82 17.43 -20.07
N ARG B 393 4.89 17.06 -19.39
CA ARG B 393 5.03 15.69 -18.93
C ARG B 393 3.91 15.33 -17.95
N SER B 394 3.57 16.24 -17.05
CA SER B 394 2.51 15.95 -16.09
C SER B 394 1.16 15.77 -16.79
N PHE B 395 0.88 16.60 -17.80
CA PHE B 395 -0.40 16.48 -18.50
C PHE B 395 -0.47 15.18 -19.28
N LYS B 396 0.63 14.78 -19.93
CA LYS B 396 0.64 13.49 -20.61
C LYS B 396 0.45 12.34 -19.63
N ASN B 397 1.03 12.45 -18.43
CA ASN B 397 0.80 11.41 -17.43
C ASN B 397 -0.65 11.39 -16.98
N LEU B 398 -1.29 12.56 -16.92
CA LEU B 398 -2.68 12.62 -16.50
C LEU B 398 -3.60 11.99 -17.54
N LEU B 399 -3.38 12.31 -18.81
CA LEU B 399 -4.20 11.74 -19.87
C LEU B 399 -3.93 10.25 -20.06
N GLY B 400 -2.65 9.85 -19.97
CA GLY B 400 -2.31 8.47 -20.25
C GLY B 400 -2.85 7.49 -19.22
N ASN B 401 -3.16 7.99 -18.02
CA ASN B 401 -3.74 7.18 -16.95
C ASN B 401 -5.02 7.86 -16.49
N PRO B 402 -6.09 7.76 -17.28
CA PRO B 402 -7.33 8.50 -16.97
C PRO B 402 -8.30 7.79 -16.05
N GLN B 403 -7.92 6.65 -15.48
CA GLN B 403 -8.86 5.88 -14.66
C GLN B 403 -9.34 6.69 -13.47
N ALA B 404 -8.43 7.41 -12.81
CA ALA B 404 -8.80 8.11 -11.58
C ALA B 404 -9.63 9.36 -11.88
N SER B 405 -9.17 10.21 -12.79
CA SER B 405 -9.88 11.45 -13.08
C SER B 405 -11.29 11.16 -13.60
N ILE B 406 -11.41 10.21 -14.52
CA ILE B 406 -12.70 9.89 -15.11
C ILE B 406 -13.69 9.48 -14.02
N ALA B 407 -13.22 8.69 -13.05
CA ALA B 407 -14.12 8.24 -11.99
C ALA B 407 -14.63 9.42 -11.18
N GLN B 408 -13.76 10.37 -10.84
CA GLN B 408 -14.19 11.53 -10.08
C GLN B 408 -15.21 12.35 -10.86
N ILE B 409 -14.98 12.54 -12.16
CA ILE B 409 -15.93 13.27 -12.98
C ILE B 409 -17.27 12.56 -13.00
N ILE B 410 -17.25 11.23 -13.15
CA ILE B 410 -18.50 10.47 -13.19
C ILE B 410 -19.24 10.61 -11.87
N VAL B 411 -18.53 10.51 -10.74
CA VAL B 411 -19.17 10.65 -9.44
C VAL B 411 -19.79 12.03 -9.31
N THR B 412 -19.06 13.06 -9.74
CA THR B 412 -19.57 14.42 -9.64
C THR B 412 -20.87 14.57 -10.42
N VAL B 413 -20.89 14.07 -11.66
CA VAL B 413 -22.09 14.21 -12.49
C VAL B 413 -23.25 13.45 -11.88
N VAL B 414 -23.01 12.23 -11.41
CA VAL B 414 -24.07 11.41 -10.84
C VAL B 414 -24.66 12.10 -9.62
N LEU B 415 -23.80 12.61 -8.75
CA LEU B 415 -24.29 13.32 -7.56
C LEU B 415 -25.09 14.54 -7.96
N GLY B 416 -24.63 15.28 -8.97
CA GLY B 416 -25.37 16.46 -9.39
C GLY B 416 -26.77 16.13 -9.88
N LEU B 417 -26.89 15.08 -10.69
CA LEU B 417 -28.19 14.69 -11.21
C LEU B 417 -29.09 14.10 -10.14
N VAL B 418 -28.52 13.42 -9.14
CA VAL B 418 -29.33 12.93 -8.04
C VAL B 418 -29.85 14.09 -7.19
N ILE B 419 -28.96 15.03 -6.85
CA ILE B 419 -29.34 16.16 -6.03
C ILE B 419 -30.37 17.03 -6.73
N GLY B 420 -30.25 17.21 -8.04
CA GLY B 420 -31.26 17.98 -8.76
C GLY B 420 -32.64 17.34 -8.68
N ALA B 421 -32.69 16.01 -8.67
CA ALA B 421 -33.98 15.33 -8.60
C ALA B 421 -34.54 15.38 -7.18
N ILE B 422 -33.67 15.23 -6.19
CA ILE B 422 -34.13 15.19 -4.80
C ILE B 422 -34.65 16.56 -4.36
N TYR B 423 -33.92 17.62 -4.67
CA TYR B 423 -34.27 18.98 -4.27
C TYR B 423 -35.01 19.74 -5.35
N PHE B 424 -35.62 19.04 -6.31
CA PHE B 424 -36.25 19.71 -7.44
C PHE B 424 -37.36 20.64 -6.96
N GLY B 425 -37.37 21.84 -7.53
CA GLY B 425 -38.45 22.78 -7.29
C GLY B 425 -38.54 23.30 -5.88
N LEU B 426 -37.43 23.81 -5.36
CA LEU B 426 -37.44 24.41 -4.03
C LEU B 426 -38.53 25.46 -3.94
N LYS B 427 -39.30 25.41 -2.87
CA LYS B 427 -40.44 26.28 -2.67
C LYS B 427 -40.16 27.28 -1.57
N ASN B 428 -40.81 28.44 -1.67
CA ASN B 428 -40.73 29.47 -0.64
C ASN B 428 -41.86 29.24 0.36
N ASP B 429 -41.68 28.21 1.18
CA ASP B 429 -42.67 27.83 2.19
C ASP B 429 -41.91 27.43 3.45
N SER B 430 -42.62 26.78 4.37
CA SER B 430 -42.04 26.46 5.67
C SER B 430 -40.76 25.65 5.53
N THR B 431 -40.66 24.82 4.50
CA THR B 431 -39.55 23.89 4.35
C THR B 431 -38.48 24.39 3.39
N GLY B 432 -38.59 25.62 2.88
CA GLY B 432 -37.58 26.11 1.97
C GLY B 432 -36.23 26.29 2.63
N ILE B 433 -36.22 26.83 3.85
CA ILE B 433 -34.98 27.13 4.53
C ILE B 433 -34.15 25.87 4.73
N GLN B 434 -34.78 24.81 5.22
CA GLN B 434 -34.03 23.59 5.51
C GLN B 434 -33.38 23.03 4.25
N ASN B 435 -34.15 22.90 3.18
CA ASN B 435 -33.62 22.30 1.96
C ASN B 435 -32.51 23.15 1.37
N ARG B 436 -32.70 24.47 1.33
CA ARG B 436 -31.67 25.34 0.76
C ARG B 436 -30.38 25.22 1.56
N ALA B 437 -30.46 25.40 2.88
CA ALA B 437 -29.27 25.31 3.71
C ALA B 437 -28.62 23.94 3.57
N GLY B 438 -29.42 22.89 3.48
CA GLY B 438 -28.86 21.55 3.41
C GLY B 438 -28.07 21.31 2.13
N VAL B 439 -28.62 21.74 1.00
CA VAL B 439 -27.94 21.51 -0.27
C VAL B 439 -26.65 22.32 -0.32
N LEU B 440 -26.69 23.56 0.15
CA LEU B 440 -25.48 24.37 0.16
C LEU B 440 -24.41 23.75 1.05
N PHE B 441 -24.81 23.25 2.22
CA PHE B 441 -23.87 22.59 3.12
C PHE B 441 -23.27 21.35 2.46
N PHE B 442 -24.10 20.56 1.79
CA PHE B 442 -23.59 19.35 1.15
C PHE B 442 -22.59 19.68 0.06
N LEU B 443 -22.89 20.66 -0.78
CA LEU B 443 -21.97 21.02 -1.85
C LEU B 443 -20.63 21.46 -1.27
N THR B 444 -20.67 22.32 -0.25
CA THR B 444 -19.43 22.80 0.34
C THR B 444 -18.60 21.66 0.91
N THR B 445 -19.22 20.81 1.72
CA THR B 445 -18.45 19.74 2.36
C THR B 445 -17.99 18.70 1.35
N ASN B 446 -18.74 18.49 0.27
CA ASN B 446 -18.28 17.58 -0.77
C ASN B 446 -17.05 18.14 -1.47
N GLN B 447 -17.04 19.44 -1.74
CA GLN B 447 -15.85 20.06 -2.33
C GLN B 447 -14.66 19.96 -1.40
N CYS B 448 -14.89 20.03 -0.09
CA CYS B 448 -13.78 19.97 0.86
C CYS B 448 -13.23 18.55 1.04
N PHE B 449 -14.10 17.57 1.27
CA PHE B 449 -13.66 16.22 1.57
C PHE B 449 -13.14 15.48 0.35
N SER B 450 -13.49 15.92 -0.86
CA SER B 450 -13.01 15.28 -2.06
C SER B 450 -11.60 15.73 -2.43
N SER B 451 -11.03 16.68 -1.69
CA SER B 451 -9.71 17.22 -1.98
C SER B 451 -8.62 16.54 -1.18
N VAL B 452 -8.94 15.51 -0.39
CA VAL B 452 -7.91 14.74 0.31
C VAL B 452 -7.19 13.77 -0.62
N SER B 453 -7.54 13.74 -1.89
CA SER B 453 -6.86 12.94 -2.89
C SER B 453 -5.68 13.68 -3.51
N ALA B 454 -5.43 14.91 -3.08
CA ALA B 454 -4.30 15.69 -3.57
C ALA B 454 -3.01 15.40 -2.81
N VAL B 455 -3.08 14.65 -1.72
CA VAL B 455 -1.87 14.30 -0.99
C VAL B 455 -0.94 13.47 -1.87
N GLU B 456 -1.52 12.70 -2.79
CA GLU B 456 -0.74 11.82 -3.65
C GLU B 456 -0.04 12.57 -4.77
N LEU B 457 -0.26 13.87 -4.92
CA LEU B 457 0.32 14.60 -6.04
C LEU B 457 1.83 14.59 -5.99
N PHE B 458 2.41 14.85 -4.81
CA PHE B 458 3.85 14.92 -4.65
C PHE B 458 4.43 13.69 -3.95
N VAL B 459 3.63 13.00 -3.14
CA VAL B 459 4.11 11.82 -2.44
C VAL B 459 4.53 10.75 -3.44
N VAL B 460 3.75 10.56 -4.49
CA VAL B 460 4.01 9.49 -5.45
C VAL B 460 5.34 9.70 -6.16
N GLU B 461 5.65 10.94 -6.53
CA GLU B 461 6.79 11.27 -7.38
C GLU B 461 7.95 11.85 -6.57
N LYS B 462 8.11 11.41 -5.33
CA LYS B 462 9.14 11.97 -4.47
C LYS B 462 10.53 11.54 -4.93
N LYS B 463 10.73 10.25 -5.18
CA LYS B 463 12.04 9.77 -5.57
C LYS B 463 12.48 10.37 -6.89
N LEU B 464 11.56 10.43 -7.86
CA LEU B 464 11.88 11.02 -9.16
C LEU B 464 12.26 12.49 -9.01
N PHE B 465 11.51 13.23 -8.19
CA PHE B 465 11.83 14.64 -7.98
C PHE B 465 13.23 14.81 -7.41
N ILE B 466 13.55 14.02 -6.38
CA ILE B 466 14.86 14.13 -5.76
C ILE B 466 15.97 13.82 -6.76
N HIS B 467 15.80 12.73 -7.51
CA HIS B 467 16.83 12.33 -8.46
C HIS B 467 17.04 13.41 -9.51
N GLU B 468 15.96 13.96 -10.05
CA GLU B 468 16.10 14.91 -11.14
C GLU B 468 16.60 16.26 -10.64
N TYR B 469 16.28 16.63 -9.40
CA TYR B 469 16.83 17.85 -8.85
C TYR B 469 18.33 17.74 -8.64
N ILE B 470 18.78 16.62 -8.06
CA ILE B 470 20.21 16.44 -7.85
C ILE B 470 20.93 16.38 -9.19
N SER B 471 20.31 15.77 -10.19
CA SER B 471 20.93 15.65 -11.50
C SER B 471 20.95 16.96 -12.29
N GLY B 472 20.28 18.00 -11.81
CA GLY B 472 20.31 19.29 -12.46
C GLY B 472 19.24 19.51 -13.51
N TYR B 473 18.18 18.71 -13.50
CA TYR B 473 17.12 18.88 -14.51
C TYR B 473 16.45 20.24 -14.38
N TYR B 474 16.00 20.59 -13.18
CA TYR B 474 15.16 21.76 -12.99
C TYR B 474 15.35 22.30 -11.58
N ARG B 475 14.79 23.49 -11.37
CA ARG B 475 14.76 24.10 -10.05
C ARG B 475 13.57 23.56 -9.25
N VAL B 476 13.58 23.86 -7.95
CA VAL B 476 12.50 23.42 -7.08
C VAL B 476 11.27 24.29 -7.20
N SER B 477 11.37 25.42 -7.88
CA SER B 477 10.24 26.31 -8.12
C SER B 477 9.45 25.92 -9.36
N SER B 478 10.17 25.64 -10.45
CA SER B 478 9.51 25.27 -11.70
C SER B 478 8.72 23.99 -11.54
N TYR B 479 9.28 23.00 -10.84
CA TYR B 479 8.55 21.77 -10.57
C TYR B 479 7.24 22.06 -9.86
N PHE B 480 7.30 22.88 -8.82
CA PHE B 480 6.10 23.20 -8.04
C PHE B 480 5.04 23.87 -8.91
N LEU B 481 5.42 24.93 -9.61
CA LEU B 481 4.45 25.67 -10.39
C LEU B 481 3.88 24.82 -11.53
N GLY B 482 4.74 24.09 -12.24
CA GLY B 482 4.26 23.29 -13.35
C GLY B 482 3.33 22.18 -12.90
N LYS B 483 3.70 21.49 -11.82
CA LYS B 483 2.85 20.43 -11.30
C LYS B 483 1.50 20.96 -10.85
N LEU B 484 1.45 22.13 -10.22
CA LEU B 484 0.17 22.75 -9.90
C LEU B 484 -0.62 23.06 -11.15
N LEU B 485 0.00 23.78 -12.09
CA LEU B 485 -0.69 24.23 -13.28
C LEU B 485 -1.26 23.06 -14.07
N SER B 486 -0.65 21.89 -13.95
CA SER B 486 -1.08 20.74 -14.75
C SER B 486 -2.10 19.88 -14.00
N ASP B 487 -1.79 19.50 -12.76
CA ASP B 487 -2.56 18.49 -12.06
C ASP B 487 -3.61 19.04 -11.12
N LEU B 488 -3.54 20.31 -10.73
CA LEU B 488 -4.42 20.86 -9.71
C LEU B 488 -5.50 21.77 -10.27
N LEU B 489 -5.11 22.77 -11.07
CA LEU B 489 -6.09 23.74 -11.54
C LEU B 489 -7.25 23.11 -12.28
N PRO B 490 -7.05 22.30 -13.31
CA PRO B 490 -8.20 21.81 -14.09
C PRO B 490 -9.08 20.84 -13.32
N MET B 491 -8.48 19.86 -12.65
CA MET B 491 -9.27 18.85 -11.95
C MET B 491 -10.17 19.48 -10.90
N ARG B 492 -9.64 20.44 -10.16
CA ARG B 492 -10.43 21.10 -9.13
C ARG B 492 -11.37 22.15 -9.70
N MET B 493 -11.06 22.67 -10.89
CA MET B 493 -11.90 23.72 -11.47
C MET B 493 -13.13 23.14 -12.15
N LEU B 494 -13.08 21.87 -12.53
CA LEU B 494 -14.18 21.25 -13.26
C LEU B 494 -15.42 21.00 -12.39
N PRO B 495 -15.27 20.28 -11.27
CA PRO B 495 -16.45 19.89 -10.49
C PRO B 495 -17.38 21.03 -10.11
N SER B 496 -16.82 22.19 -9.77
CA SER B 496 -17.64 23.34 -9.43
C SER B 496 -18.54 23.72 -10.60
N ILE B 497 -17.95 23.80 -11.80
CA ILE B 497 -18.72 24.16 -12.99
C ILE B 497 -19.80 23.12 -13.25
N ILE B 498 -19.44 21.84 -13.16
CA ILE B 498 -20.41 20.79 -13.42
C ILE B 498 -21.59 20.88 -12.45
N PHE B 499 -21.28 20.95 -11.15
CA PHE B 499 -22.32 21.02 -10.13
C PHE B 499 -23.25 22.19 -10.37
N THR B 500 -22.69 23.39 -10.52
CA THR B 500 -23.54 24.57 -10.65
C THR B 500 -24.39 24.49 -11.90
N CYS B 501 -23.79 24.16 -13.05
CA CYS B 501 -24.55 24.13 -14.29
C CYS B 501 -25.68 23.13 -14.20
N ILE B 502 -25.46 21.99 -13.54
CA ILE B 502 -26.49 20.96 -13.48
C ILE B 502 -27.61 21.37 -12.54
N VAL B 503 -27.26 21.81 -11.32
CA VAL B 503 -28.25 21.90 -10.24
C VAL B 503 -28.89 23.27 -10.12
N TYR B 504 -28.24 24.33 -10.55
CA TYR B 504 -28.70 25.67 -10.19
C TYR B 504 -30.12 25.92 -10.70
N PHE B 505 -30.45 25.40 -11.88
CA PHE B 505 -31.75 25.66 -12.47
C PHE B 505 -32.74 24.53 -12.26
N MET B 506 -32.26 23.33 -11.95
CA MET B 506 -33.17 22.28 -11.52
C MET B 506 -33.76 22.60 -10.15
N LEU B 507 -32.93 23.09 -9.23
CA LEU B 507 -33.37 23.40 -7.88
C LEU B 507 -34.19 24.69 -7.79
N GLY B 508 -34.17 25.52 -8.82
CA GLY B 508 -34.88 26.77 -8.75
C GLY B 508 -34.29 27.75 -7.76
N LEU B 509 -32.96 27.88 -7.77
CA LEU B 509 -32.29 28.88 -6.95
C LEU B 509 -32.44 30.23 -7.63
N LYS B 510 -31.70 31.23 -7.15
CA LYS B 510 -31.93 32.61 -7.57
C LYS B 510 -31.87 32.74 -9.09
N PRO B 511 -32.81 33.45 -9.71
CA PRO B 511 -32.90 33.43 -11.18
C PRO B 511 -32.01 34.44 -11.88
N LYS B 512 -31.02 34.97 -11.18
CA LYS B 512 -30.17 36.02 -11.71
C LYS B 512 -28.83 35.46 -12.17
N ALA B 513 -28.10 36.28 -12.94
CA ALA B 513 -26.77 35.90 -13.39
C ALA B 513 -25.70 36.30 -12.39
N ASP B 514 -25.91 37.41 -11.67
CA ASP B 514 -24.92 37.87 -10.70
C ASP B 514 -24.65 36.79 -9.66
N ALA B 515 -25.64 35.96 -9.36
CA ALA B 515 -25.52 34.96 -8.31
C ALA B 515 -24.94 33.64 -8.82
N PHE B 516 -25.21 33.27 -10.07
CA PHE B 516 -24.73 32.01 -10.61
C PHE B 516 -23.20 31.96 -10.57
N PHE B 517 -22.55 33.03 -11.03
CA PHE B 517 -21.10 33.02 -11.10
C PHE B 517 -20.48 33.23 -9.74
N VAL B 518 -21.16 33.94 -8.84
CA VAL B 518 -20.70 34.01 -7.45
C VAL B 518 -20.64 32.61 -6.86
N MET B 519 -21.67 31.81 -7.12
CA MET B 519 -21.71 30.44 -6.61
C MET B 519 -20.56 29.61 -7.18
N MET B 520 -20.34 29.72 -8.49
CA MET B 520 -19.27 28.96 -9.13
C MET B 520 -17.91 29.37 -8.57
N PHE B 521 -17.68 30.68 -8.46
CA PHE B 521 -16.42 31.19 -7.93
C PHE B 521 -16.20 30.73 -6.50
N THR B 522 -17.25 30.77 -5.67
CA THR B 522 -17.13 30.35 -4.29
C THR B 522 -16.72 28.90 -4.19
N LEU B 523 -17.37 28.04 -4.97
CA LEU B 523 -17.05 26.62 -4.90
C LEU B 523 -15.62 26.35 -5.38
N MET B 524 -15.20 27.03 -6.45
CA MET B 524 -13.83 26.84 -6.93
C MET B 524 -12.82 27.26 -5.87
N MET B 525 -13.05 28.38 -5.21
CA MET B 525 -12.12 28.83 -4.19
C MET B 525 -12.08 27.88 -3.00
N VAL B 526 -13.22 27.34 -2.59
CA VAL B 526 -13.22 26.36 -1.52
C VAL B 526 -12.38 25.15 -1.90
N ALA B 527 -12.56 24.63 -3.11
CA ALA B 527 -11.80 23.46 -3.53
C ALA B 527 -10.31 23.76 -3.58
N TYR B 528 -9.93 24.90 -4.14
CA TYR B 528 -8.52 25.26 -4.20
C TYR B 528 -7.91 25.37 -2.81
N SER B 529 -8.61 26.02 -1.88
CA SER B 529 -8.06 26.20 -0.54
C SER B 529 -7.89 24.87 0.16
N ALA B 530 -8.88 23.99 0.06
CA ALA B 530 -8.76 22.69 0.72
C ALA B 530 -7.64 21.85 0.12
N SER B 531 -7.53 21.85 -1.21
CA SER B 531 -6.46 21.10 -1.85
C SER B 531 -5.10 21.67 -1.47
N SER B 532 -5.01 22.99 -1.37
CA SER B 532 -3.75 23.62 -0.96
C SER B 532 -3.36 23.20 0.46
N MET B 533 -4.34 23.16 1.37
CA MET B 533 -4.05 22.70 2.71
C MET B 533 -3.62 21.25 2.72
N ALA B 534 -4.14 20.44 1.81
CA ALA B 534 -3.70 19.06 1.71
C ALA B 534 -2.25 18.99 1.23
N LEU B 535 -1.90 19.77 0.21
CA LEU B 535 -0.54 19.79 -0.27
C LEU B 535 0.44 20.21 0.81
N ALA B 536 0.08 21.22 1.60
CA ALA B 536 0.97 21.71 2.64
C ALA B 536 1.33 20.60 3.62
N ILE B 537 0.32 19.85 4.06
CA ILE B 537 0.56 18.79 5.04
C ILE B 537 1.31 17.63 4.40
N ALA B 538 0.90 17.22 3.21
CA ALA B 538 1.44 16.01 2.60
C ALA B 538 2.76 16.22 1.87
N ALA B 539 3.18 17.46 1.67
CA ALA B 539 4.41 17.70 0.92
C ALA B 539 5.61 17.21 1.70
N GLY B 540 6.61 16.72 0.98
CA GLY B 540 7.83 16.23 1.61
C GLY B 540 7.62 15.00 2.45
N GLN B 541 6.73 14.11 2.04
CA GLN B 541 6.50 12.86 2.75
C GLN B 541 6.39 11.73 1.75
N SER B 542 6.76 10.53 2.20
CA SER B 542 6.69 9.33 1.37
C SER B 542 5.56 8.40 1.76
N VAL B 543 4.94 8.60 2.92
CA VAL B 543 3.83 7.78 3.39
C VAL B 543 2.54 8.58 3.25
N VAL B 544 1.52 7.96 2.65
CA VAL B 544 0.29 8.68 2.33
C VAL B 544 -0.76 8.48 3.41
N SER B 545 -0.69 7.40 4.18
CA SER B 545 -1.76 7.06 5.12
C SER B 545 -1.94 8.13 6.18
N VAL B 546 -0.85 8.52 6.83
CA VAL B 546 -0.93 9.46 7.95
C VAL B 546 -1.51 10.78 7.49
N ALA B 547 -1.07 11.28 6.33
CA ALA B 547 -1.57 12.56 5.83
C ALA B 547 -3.07 12.49 5.56
N THR B 548 -3.53 11.39 4.97
CA THR B 548 -4.96 11.26 4.69
C THR B 548 -5.76 11.28 5.99
N LEU B 549 -5.30 10.55 7.00
CA LEU B 549 -5.99 10.55 8.29
C LEU B 549 -6.06 11.95 8.86
N LEU B 550 -4.92 12.67 8.87
CA LEU B 550 -4.91 14.02 9.42
C LEU B 550 -5.86 14.93 8.68
N MET B 551 -5.87 14.85 7.34
CA MET B 551 -6.73 15.71 6.55
C MET B 551 -8.19 15.47 6.89
N THR B 552 -8.61 14.21 6.96
CA THR B 552 -10.00 13.92 7.25
C THR B 552 -10.39 14.46 8.62
N ILE B 553 -9.54 14.25 9.63
CA ILE B 553 -9.87 14.71 10.97
C ILE B 553 -10.00 16.22 11.00
N CYS B 554 -9.06 16.94 10.39
CA CYS B 554 -9.11 18.39 10.37
C CYS B 554 -10.39 18.87 9.69
N PHE B 555 -10.78 18.20 8.60
CA PHE B 555 -11.96 18.65 7.87
C PHE B 555 -13.24 18.43 8.66
N VAL B 556 -13.35 17.34 9.42
CA VAL B 556 -14.56 17.18 10.22
C VAL B 556 -14.59 18.23 11.32
N PHE B 557 -13.44 18.51 11.94
CA PHE B 557 -13.42 19.55 12.95
C PHE B 557 -13.82 20.90 12.38
N MET B 558 -13.37 21.21 11.17
CA MET B 558 -13.83 22.42 10.49
C MET B 558 -15.33 22.39 10.23
N MET B 559 -15.85 21.24 9.81
CA MET B 559 -17.25 21.14 9.43
C MET B 559 -18.17 21.37 10.62
N ILE B 560 -17.75 20.96 11.82
CA ILE B 560 -18.55 21.24 13.00
C ILE B 560 -18.79 22.73 13.15
N PHE B 561 -17.76 23.54 12.91
CA PHE B 561 -17.81 24.98 13.12
C PHE B 561 -18.42 25.72 11.94
N SER B 562 -19.04 25.01 11.01
CA SER B 562 -19.87 25.66 10.02
C SER B 562 -21.21 26.03 10.63
N GLY B 563 -21.95 26.89 9.93
CA GLY B 563 -23.14 27.48 10.53
C GLY B 563 -24.23 26.49 10.83
N LEU B 564 -24.34 25.42 10.04
CA LEU B 564 -25.56 24.63 10.05
C LEU B 564 -25.76 23.90 11.38
N LEU B 565 -24.71 23.28 11.91
CA LEU B 565 -24.88 22.31 12.98
C LEU B 565 -24.87 22.91 14.38
N VAL B 566 -24.38 24.15 14.55
CA VAL B 566 -24.07 24.63 15.89
C VAL B 566 -24.58 26.04 16.18
N ASN B 567 -24.99 26.83 15.20
CA ASN B 567 -25.46 28.18 15.51
C ASN B 567 -24.37 28.99 16.19
N LEU B 568 -23.32 29.33 15.45
CA LEU B 568 -22.09 29.88 15.99
C LEU B 568 -22.28 31.05 16.94
N THR B 569 -23.46 31.68 16.96
CA THR B 569 -23.69 32.75 17.92
C THR B 569 -23.87 32.21 19.34
N THR B 570 -24.08 30.91 19.49
CA THR B 570 -24.26 30.33 20.82
C THR B 570 -22.94 29.98 21.47
N ILE B 571 -21.91 29.71 20.67
CA ILE B 571 -20.67 29.16 21.20
C ILE B 571 -20.02 30.15 22.16
N ALA B 572 -19.32 29.62 23.15
CA ALA B 572 -18.70 30.44 24.17
C ALA B 572 -17.49 31.19 23.60
N SER B 573 -17.10 32.24 24.32
CA SER B 573 -16.04 33.11 23.84
C SER B 573 -14.70 32.37 23.71
N TRP B 574 -14.37 31.55 24.71
CA TRP B 574 -13.03 30.98 24.73
C TRP B 574 -12.84 29.90 23.66
N LEU B 575 -13.91 29.51 22.97
CA LEU B 575 -13.83 28.56 21.87
C LEU B 575 -14.39 29.12 20.57
N SER B 576 -14.94 30.34 20.58
CA SER B 576 -15.53 30.89 19.38
C SER B 576 -14.49 31.17 18.31
N TRP B 577 -13.28 31.56 18.72
CA TRP B 577 -12.27 32.01 17.76
C TRP B 577 -11.83 30.90 16.82
N LEU B 578 -12.13 29.65 17.12
CA LEU B 578 -11.74 28.55 16.24
C LEU B 578 -12.51 28.59 14.92
N GLN B 579 -13.57 29.40 14.83
CA GLN B 579 -14.37 29.41 13.62
C GLN B 579 -13.67 30.11 12.48
N TYR B 580 -12.70 30.99 12.80
CA TYR B 580 -11.97 31.71 11.78
C TYR B 580 -10.93 30.84 11.08
N PHE B 581 -10.74 29.62 11.53
CA PHE B 581 -9.81 28.68 10.92
C PHE B 581 -10.54 27.62 10.10
N SER B 582 -11.79 27.89 9.73
CA SER B 582 -12.63 26.93 9.04
C SER B 582 -12.79 27.33 7.58
N ILE B 583 -12.42 26.43 6.68
CA ILE B 583 -12.63 26.68 5.25
C ILE B 583 -14.11 26.60 4.90
N PRO B 584 -14.86 25.57 5.30
CA PRO B 584 -16.27 25.48 4.93
C PRO B 584 -17.11 26.65 5.40
N ARG B 585 -16.77 27.26 6.54
CA ARG B 585 -17.59 28.34 7.07
C ARG B 585 -17.70 29.49 6.08
N TYR B 586 -16.57 29.87 5.48
CA TYR B 586 -16.56 31.02 4.59
C TYR B 586 -17.38 30.76 3.34
N GLY B 587 -17.21 29.59 2.74
CA GLY B 587 -17.98 29.26 1.56
C GLY B 587 -19.47 29.16 1.84
N PHE B 588 -19.83 28.44 2.92
CA PHE B 588 -21.23 28.29 3.27
C PHE B 588 -21.88 29.63 3.58
N THR B 589 -21.16 30.49 4.30
CA THR B 589 -21.68 31.82 4.60
C THR B 589 -21.89 32.62 3.33
N ALA B 590 -20.95 32.54 2.39
CA ALA B 590 -21.11 33.28 1.15
C ALA B 590 -22.31 32.80 0.36
N LEU B 591 -22.49 31.48 0.26
CA LEU B 591 -23.63 30.95 -0.48
C LEU B 591 -24.95 31.34 0.18
N GLN B 592 -25.02 31.25 1.50
CA GLN B 592 -26.22 31.69 2.20
C GLN B 592 -26.51 33.16 1.93
N HIS B 593 -25.48 34.00 1.99
CA HIS B 593 -25.67 35.42 1.75
C HIS B 593 -26.14 35.67 0.31
N ASN B 594 -25.71 34.83 -0.61
CA ASN B 594 -26.08 35.00 -2.01
C ASN B 594 -27.51 34.54 -2.27
N GLU B 595 -28.00 33.56 -1.53
CA GLU B 595 -29.29 32.93 -1.82
C GLU B 595 -30.44 33.46 -0.97
N PHE B 596 -30.25 33.63 0.33
CA PHE B 596 -31.35 33.96 1.22
C PHE B 596 -31.69 35.43 1.24
N LEU B 597 -30.98 36.26 0.50
CA LEU B 597 -31.16 37.71 0.56
C LEU B 597 -32.25 38.10 -0.42
N GLY B 598 -33.46 38.25 0.10
CA GLY B 598 -34.60 38.68 -0.71
C GLY B 598 -35.79 37.75 -0.65
N GLN B 599 -35.58 36.55 -0.13
CA GLN B 599 -36.64 35.55 -0.13
C GLN B 599 -37.64 35.81 0.99
N ASN B 600 -38.85 35.30 0.82
CA ASN B 600 -39.91 35.36 1.82
C ASN B 600 -40.48 33.97 1.98
N PHE B 601 -40.41 33.42 3.19
CA PHE B 601 -40.78 32.04 3.46
C PHE B 601 -42.06 31.92 4.27
N CYS B 602 -42.97 32.89 4.14
CA CYS B 602 -44.24 32.88 4.87
C CYS B 602 -45.39 33.10 3.89
N PRO B 603 -45.97 32.04 3.33
CA PRO B 603 -47.06 32.22 2.39
C PRO B 603 -48.34 32.69 3.08
N GLY B 604 -48.90 33.78 2.57
CA GLY B 604 -50.14 34.30 3.12
C GLY B 604 -50.02 34.85 4.52
N LEU B 605 -48.90 35.50 4.83
CA LEU B 605 -48.77 36.20 6.10
C LEU B 605 -49.75 37.36 6.17
N ASN B 606 -49.82 38.15 5.10
CA ASN B 606 -50.72 39.30 4.96
C ASN B 606 -50.24 40.50 5.77
N ALA B 607 -49.27 40.28 6.68
CA ALA B 607 -48.59 41.34 7.41
C ALA B 607 -49.53 42.45 7.89
N THR B 608 -50.80 42.11 8.17
CA THR B 608 -51.74 43.15 8.60
C THR B 608 -51.55 43.48 10.07
N GLY B 609 -51.48 42.45 10.92
CA GLY B 609 -51.08 42.67 12.29
C GLY B 609 -49.59 42.91 12.45
N ASN B 610 -48.82 42.58 11.39
CA ASN B 610 -47.37 42.76 11.33
C ASN B 610 -46.61 41.85 12.30
N ASN B 611 -47.28 40.82 12.80
CA ASN B 611 -46.72 39.95 13.83
C ASN B 611 -46.56 38.51 13.36
N PRO B 612 -45.35 38.11 12.98
CA PRO B 612 -45.09 36.67 12.76
C PRO B 612 -44.82 35.93 14.06
N CYS B 613 -45.15 36.54 15.20
CA CYS B 613 -45.02 35.97 16.54
C CYS B 613 -43.59 36.02 17.05
N ASN B 614 -42.66 36.59 16.29
CA ASN B 614 -41.26 36.78 16.66
C ASN B 614 -40.51 35.48 16.77
N TYR B 615 -41.16 34.33 16.54
CA TYR B 615 -40.50 33.04 16.54
C TYR B 615 -40.61 32.34 15.20
N ALA B 616 -40.87 33.07 14.11
CA ALA B 616 -41.28 32.45 12.86
C ALA B 616 -40.09 32.21 11.94
N THR B 617 -39.17 33.17 11.83
CA THR B 617 -38.16 33.16 10.77
C THR B 617 -38.83 33.35 9.41
N CYS B 618 -39.64 34.41 9.30
CA CYS B 618 -40.49 34.59 8.13
C CYS B 618 -39.71 35.03 6.91
N THR B 619 -38.55 35.66 7.08
CA THR B 619 -37.81 36.24 5.98
C THR B 619 -36.37 35.75 6.00
N GLY B 620 -35.73 35.83 4.83
CA GLY B 620 -34.35 35.37 4.71
C GLY B 620 -33.37 36.20 5.51
N GLU B 621 -33.52 37.53 5.48
CA GLU B 621 -32.64 38.39 6.25
C GLU B 621 -32.72 38.06 7.74
N GLU B 622 -33.91 37.77 8.24
CA GLU B 622 -34.06 37.41 9.64
C GLU B 622 -33.27 36.14 9.97
N TYR B 623 -33.35 35.15 9.09
CA TYR B 623 -32.57 33.93 9.27
C TYR B 623 -31.07 34.23 9.28
N LEU B 624 -30.62 35.07 8.37
CA LEU B 624 -29.19 35.38 8.31
C LEU B 624 -28.72 36.06 9.58
N VAL B 625 -29.44 37.07 10.05
CA VAL B 625 -29.00 37.77 11.26
C VAL B 625 -29.02 36.85 12.46
N LYS B 626 -30.06 36.02 12.59
CA LYS B 626 -30.11 35.06 13.68
C LYS B 626 -28.97 34.07 13.61
N GLN B 627 -28.47 33.79 12.40
CA GLN B 627 -27.31 32.91 12.24
C GLN B 627 -25.99 33.63 12.49
N GLY B 628 -26.00 34.95 12.65
CA GLY B 628 -24.79 35.72 12.87
C GLY B 628 -24.16 36.32 11.64
N ILE B 629 -24.82 36.24 10.49
CA ILE B 629 -24.24 36.72 9.25
C ILE B 629 -24.53 38.21 9.09
N ASP B 630 -23.71 38.86 8.26
CA ASP B 630 -23.82 40.29 8.00
C ASP B 630 -24.48 40.49 6.65
N LEU B 631 -25.45 41.40 6.60
CA LEU B 631 -26.21 41.66 5.38
C LEU B 631 -25.54 42.66 4.45
N SER B 632 -24.41 43.24 4.86
CA SER B 632 -23.72 44.18 4.01
C SER B 632 -23.00 43.43 2.88
N PRO B 633 -22.76 44.10 1.75
CA PRO B 633 -22.03 43.44 0.67
C PRO B 633 -20.65 42.98 1.07
N TRP B 634 -19.98 43.72 1.96
CA TRP B 634 -18.67 43.29 2.45
C TRP B 634 -18.74 41.95 3.14
N GLY B 635 -19.92 41.58 3.67
CA GLY B 635 -20.05 40.30 4.34
C GLY B 635 -19.94 39.13 3.38
N LEU B 636 -20.14 39.39 2.09
CA LEU B 636 -20.02 38.33 1.10
C LEU B 636 -18.57 38.15 0.65
N TRP B 637 -17.82 39.25 0.57
CA TRP B 637 -16.48 39.22 0.01
C TRP B 637 -15.39 39.03 1.06
N LYS B 638 -15.67 39.31 2.33
CA LYS B 638 -14.69 39.06 3.37
C LYS B 638 -14.46 37.58 3.59
N ASN B 639 -15.21 36.72 2.92
CA ASN B 639 -15.01 35.28 2.95
C ASN B 639 -14.09 34.83 1.82
N HIS B 640 -14.26 35.40 0.63
CA HIS B 640 -13.36 35.10 -0.48
C HIS B 640 -11.97 35.64 -0.21
N VAL B 641 -11.87 36.81 0.40
CA VAL B 641 -10.57 37.34 0.81
C VAL B 641 -9.84 36.34 1.69
N ALA B 642 -10.54 35.80 2.68
CA ALA B 642 -9.93 34.85 3.60
C ALA B 642 -9.50 33.58 2.88
N LEU B 643 -10.35 33.08 1.97
CA LEU B 643 -10.01 31.87 1.24
C LEU B 643 -8.76 32.09 0.40
N ALA B 644 -8.65 33.24 -0.25
CA ALA B 644 -7.46 33.53 -1.05
C ALA B 644 -6.22 33.58 -0.18
N CYS B 645 -6.30 34.25 0.97
CA CYS B 645 -5.15 34.33 1.86
C CYS B 645 -4.73 32.94 2.33
N MET B 646 -5.69 32.08 2.66
CA MET B 646 -5.35 30.73 3.07
C MET B 646 -4.68 29.96 1.94
N ILE B 647 -5.15 30.12 0.71
CA ILE B 647 -4.51 29.49 -0.43
C ILE B 647 -3.04 29.90 -0.51
N VAL B 648 -2.78 31.21 -0.44
CA VAL B 648 -1.42 31.69 -0.55
C VAL B 648 -0.54 31.14 0.57
N ILE B 649 -1.05 31.21 1.80
CA ILE B 649 -0.28 30.75 2.95
C ILE B 649 0.11 29.29 2.79
N PHE B 650 -0.86 28.44 2.46
CA PHE B 650 -0.58 27.01 2.39
C PHE B 650 0.37 26.68 1.25
N LEU B 651 0.22 27.32 0.10
CA LEU B 651 1.12 27.04 -1.00
C LEU B 651 2.53 27.47 -0.67
N THR B 652 2.70 28.62 -0.03
CA THR B 652 4.03 29.05 0.37
C THR B 652 4.65 28.06 1.35
N ILE B 653 3.86 27.56 2.28
CA ILE B 653 4.36 26.56 3.23
C ILE B 653 4.85 25.32 2.49
N ALA B 654 4.06 24.85 1.52
CA ALA B 654 4.45 23.67 0.77
C ALA B 654 5.75 23.89 0.03
N TYR B 655 5.91 25.06 -0.59
CA TYR B 655 7.16 25.35 -1.29
C TYR B 655 8.34 25.33 -0.33
N LEU B 656 8.18 25.93 0.83
CA LEU B 656 9.29 25.96 1.78
C LEU B 656 9.60 24.58 2.31
N LYS B 657 8.61 23.68 2.32
CA LYS B 657 8.86 22.32 2.77
C LYS B 657 9.59 21.51 1.71
N LEU B 658 9.29 21.76 0.43
CA LEU B 658 10.05 21.09 -0.63
C LEU B 658 11.46 21.64 -0.73
N LEU B 659 11.63 22.94 -0.48
CA LEU B 659 12.93 23.56 -0.64
C LEU B 659 13.91 23.13 0.45
N PHE B 660 13.42 22.86 1.66
CA PHE B 660 14.25 22.44 2.77
C PHE B 660 14.21 20.93 2.99
N LEU B 661 13.64 20.18 2.04
CA LEU B 661 13.70 18.74 2.10
C LEU B 661 15.14 18.27 1.95
N LYS B 662 15.44 17.12 2.56
CA LYS B 662 16.79 16.57 2.51
C LYS B 662 16.97 15.82 1.19
N LYS B 663 17.83 16.34 0.33
CA LYS B 663 18.07 15.78 -1.00
C LYS B 663 19.56 15.44 -1.09
N TYR B 664 19.92 14.24 -0.66
CA TYR B 664 21.30 13.82 -0.63
C TYR B 664 21.41 12.33 -0.30
#